data_4CWA
#
_entry.id   4CWA
#
_cell.length_a   197.498
_cell.length_b   134.380
_cell.length_c   48.277
_cell.angle_alpha   90.00
_cell.angle_beta   94.53
_cell.angle_gamma   90.00
#
_symmetry.space_group_name_H-M   'C 1 2 1'
#
loop_
_entity.id
_entity.type
_entity.pdbx_description
1 polymer 'SPERMIDINE SYNTHASE'
2 non-polymer 5-(1H-benzimidazol-2-yl)pentan-1-amine
3 non-polymer 2-(2-{2-[2-(2-METHOXY-ETHOXY)-ETHOXY]-ETHOXY}-ETHOXY)-ETHANOL
4 water water
#
_entity_poly.entity_id   1
_entity_poly.type   'polypeptide(L)'
_entity_poly.pdbx_seq_one_letter_code
;GSKKWFSEFSIMWPGQAFSLKIKKILYETKSKYQNVLVFESTTYGKVLVLDGVIQLTEKDEFAYHEMMTHVPMTVSKEPK
NVLVVGGGDGGIIRELCKYKSVENIDICEIDETVIEVSKIYFKNISCGYEDKRVNVFIEDASKFLENVTNTYDVIIVDSS
DPIGPAETLFNQNFYEKIYNALKPNGYCVAQCESLWIHVGTIKNMIGYAKKLFKKVEYANISIPTYPCGCIGILCCSKTD
TGLTKPNKKLESKEFADLKYYNYENHSAAFKLPAFLLKEIENI
;
_entity_poly.pdbx_strand_id   A,B,C
#
# COMPACT_ATOMS: atom_id res chain seq x y z
N LYS A 3 -7.49 -18.39 26.66
CA LYS A 3 -6.82 -17.02 26.64
C LYS A 3 -5.42 -17.17 27.16
N LYS A 4 -4.43 -16.54 26.54
CA LYS A 4 -3.03 -16.64 26.99
C LYS A 4 -2.69 -15.56 28.04
N TRP A 5 -1.50 -15.67 28.60
CA TRP A 5 -0.97 -14.71 29.53
C TRP A 5 0.25 -14.07 28.96
N PHE A 6 0.46 -12.81 29.28
CA PHE A 6 1.76 -12.16 29.00
C PHE A 6 2.63 -12.26 30.23
N SER A 7 3.90 -12.59 30.06
CA SER A 7 4.82 -12.71 31.19
C SER A 7 6.06 -11.88 31.01
N GLU A 8 6.46 -11.17 32.05
CA GLU A 8 7.54 -10.19 31.93
C GLU A 8 8.77 -10.75 32.62
N PHE A 9 9.70 -11.31 31.84
CA PHE A 9 10.97 -11.83 32.38
C PHE A 9 12.11 -10.90 32.08
N SER A 10 13.12 -10.84 32.94
CA SER A 10 14.27 -10.02 32.61
C SER A 10 15.48 -10.38 33.48
N ILE A 11 16.67 -10.23 32.91
CA ILE A 11 17.89 -10.36 33.69
C ILE A 11 18.08 -9.18 34.69
N MET A 12 17.35 -8.09 34.50
CA MET A 12 17.33 -7.02 35.51
C MET A 12 16.51 -7.37 36.78
N TRP A 13 15.68 -8.40 36.73
CA TRP A 13 14.94 -8.90 37.93
C TRP A 13 14.95 -10.46 37.84
N PRO A 14 16.12 -11.03 37.96
CA PRO A 14 16.23 -12.47 37.86
C PRO A 14 15.43 -13.17 39.00
N GLY A 15 14.78 -14.27 38.66
CA GLY A 15 14.13 -15.08 39.65
C GLY A 15 12.74 -14.68 39.92
N GLN A 16 12.26 -13.60 39.28
CA GLN A 16 10.87 -13.17 39.47
C GLN A 16 10.24 -12.83 38.14
N ALA A 17 8.93 -12.97 38.01
CA ALA A 17 8.20 -12.54 36.82
C ALA A 17 6.83 -12.05 37.26
N PHE A 18 6.26 -11.14 36.49
CA PHE A 18 4.89 -10.68 36.70
C PHE A 18 4.13 -10.95 35.42
N SER A 19 2.88 -11.43 35.52
CA SER A 19 2.05 -11.78 34.34
C SER A 19 0.68 -11.18 34.39
N LEU A 20 0.18 -10.82 33.21
CA LEU A 20 -1.17 -10.32 33.04
C LEU A 20 -1.92 -11.15 32.01
N LYS A 21 -3.18 -11.42 32.30
CA LYS A 21 -3.93 -12.17 31.34
C LYS A 21 -4.32 -11.25 30.15
N ILE A 22 -4.16 -11.81 28.97
CA ILE A 22 -4.49 -11.17 27.70
C ILE A 22 -5.95 -11.41 27.33
N LYS A 23 -6.66 -10.30 27.23
CA LYS A 23 -7.96 -10.33 26.59
C LYS A 23 -7.81 -10.29 25.08
N LYS A 24 -6.98 -9.41 24.55
CA LYS A 24 -6.63 -9.55 23.14
C LYS A 24 -5.48 -8.70 22.68
N ILE A 25 -4.73 -9.27 21.78
CA ILE A 25 -3.59 -8.57 21.19
C ILE A 25 -4.10 -7.47 20.23
N LEU A 26 -3.55 -6.26 20.34
CA LEU A 26 -3.96 -5.14 19.48
C LEU A 26 -2.93 -4.74 18.40
N TYR A 27 -1.63 -4.90 18.63
CA TYR A 27 -0.62 -4.43 17.67
C TYR A 27 0.74 -4.90 18.12
N GLU A 28 1.56 -5.34 17.18
CA GLU A 28 2.95 -5.71 17.45
C GLU A 28 3.80 -5.25 16.26
N THR A 29 4.99 -4.75 16.52
CA THR A 29 5.93 -4.51 15.44
C THR A 29 7.31 -4.50 15.95
N LYS A 30 8.29 -4.68 15.08
CA LYS A 30 9.67 -4.41 15.43
C LYS A 30 10.09 -3.05 14.88
N SER A 31 10.26 -2.04 15.73
CA SER A 31 10.65 -0.71 15.23
C SER A 31 12.17 -0.75 14.91
N LYS A 32 12.70 0.36 14.46
CA LYS A 32 14.15 0.43 14.33
C LYS A 32 14.86 0.25 15.68
N TYR A 33 14.18 0.51 16.81
CA TYR A 33 14.90 0.48 18.10
C TYR A 33 14.50 -0.67 19.02
N GLN A 34 13.29 -1.16 18.91
CA GLN A 34 12.85 -2.17 19.86
C GLN A 34 11.61 -2.90 19.38
N ASN A 35 11.22 -3.97 20.11
CA ASN A 35 9.92 -4.63 19.90
C ASN A 35 8.82 -3.91 20.63
N VAL A 36 7.72 -3.71 19.95
CA VAL A 36 6.60 -2.99 20.50
C VAL A 36 5.41 -3.91 20.54
N LEU A 37 4.79 -4.10 21.71
CA LEU A 37 3.55 -4.84 21.78
C LEU A 37 2.44 -4.06 22.53
N VAL A 38 1.21 -4.08 22.04
CA VAL A 38 0.09 -3.45 22.72
C VAL A 38 -1.00 -4.50 22.86
N PHE A 39 -1.51 -4.67 24.08
CA PHE A 39 -2.61 -5.60 24.32
C PHE A 39 -3.63 -5.08 25.28
N GLU A 40 -4.85 -5.56 25.14
CA GLU A 40 -5.88 -5.33 26.13
C GLU A 40 -5.75 -6.52 27.12
N SER A 41 -5.45 -6.16 28.36
CA SER A 41 -5.44 -7.11 29.50
C SER A 41 -6.86 -7.30 29.98
N THR A 42 -7.14 -8.39 30.73
CA THR A 42 -8.50 -8.64 31.27
C THR A 42 -8.84 -7.71 32.44
N THR A 43 -7.85 -7.24 33.17
CA THR A 43 -8.13 -6.47 34.37
C THR A 43 -7.35 -5.14 34.52
N TYR A 44 -6.29 -4.88 33.73
CA TYR A 44 -5.48 -3.69 33.87
C TYR A 44 -5.64 -2.75 32.67
N GLY A 45 -6.65 -3.05 31.86
CA GLY A 45 -6.92 -2.29 30.63
C GLY A 45 -5.87 -2.55 29.58
N LYS A 46 -5.58 -1.54 28.76
CA LYS A 46 -4.57 -1.72 27.74
C LYS A 46 -3.22 -1.55 28.33
N VAL A 47 -2.30 -2.28 27.74
CA VAL A 47 -0.90 -2.40 28.17
C VAL A 47 0.07 -2.14 27.02
N LEU A 48 1.12 -1.38 27.28
CA LEU A 48 2.20 -1.16 26.33
C LEU A 48 3.44 -1.85 26.85
N VAL A 49 4.05 -2.63 25.94
CA VAL A 49 5.23 -3.40 26.15
C VAL A 49 6.36 -3.09 25.12
N LEU A 50 7.54 -2.86 25.64
CA LEU A 50 8.69 -2.52 24.86
C LEU A 50 9.81 -3.47 25.25
N ASP A 51 10.33 -4.20 24.25
CA ASP A 51 11.32 -5.21 24.43
C ASP A 51 10.92 -6.19 25.58
N GLY A 52 9.64 -6.57 25.63
CA GLY A 52 9.15 -7.51 26.63
C GLY A 52 9.04 -6.99 28.06
N VAL A 53 9.14 -5.69 28.27
CA VAL A 53 9.02 -5.10 29.58
C VAL A 53 7.81 -4.16 29.54
N ILE A 54 6.97 -4.20 30.57
CA ILE A 54 5.79 -3.36 30.63
C ILE A 54 6.21 -1.93 30.84
N GLN A 55 5.67 -1.04 30.02
CA GLN A 55 5.95 0.40 30.10
C GLN A 55 4.85 1.21 30.75
N LEU A 56 3.61 0.80 30.56
CA LEU A 56 2.47 1.32 31.26
C LEU A 56 1.23 0.42 31.07
N THR A 57 0.29 0.61 31.96
CA THR A 57 -1.07 0.11 31.82
C THR A 57 -2.01 1.23 32.13
N GLU A 58 -3.18 1.19 31.53
CA GLU A 58 -4.18 2.18 31.78
C GLU A 58 -4.61 2.19 33.24
N LYS A 59 -4.62 1.08 33.93
CA LYS A 59 -5.21 1.08 35.26
C LYS A 59 -4.36 1.86 36.28
N ASP A 60 -3.04 1.82 36.17
CA ASP A 60 -2.23 2.37 37.18
C ASP A 60 -1.29 3.48 36.70
N GLU A 61 -1.31 3.83 35.42
CA GLU A 61 -0.28 4.79 34.90
C GLU A 61 -0.36 6.15 35.59
N PHE A 62 -1.54 6.53 36.05
CA PHE A 62 -1.65 7.81 36.71
C PHE A 62 -0.64 7.95 37.93
N ALA A 63 -0.24 6.84 38.57
CA ALA A 63 0.59 6.95 39.76
C ALA A 63 1.96 7.45 39.43
N TYR A 64 2.57 6.84 38.43
CA TYR A 64 3.88 7.22 37.97
C TYR A 64 3.87 8.58 37.26
N HIS A 65 2.90 8.84 36.43
CA HIS A 65 2.89 10.12 35.73
C HIS A 65 2.59 11.34 36.64
N GLU A 66 1.60 11.22 37.51
CA GLU A 66 1.34 12.27 38.47
C GLU A 66 2.51 12.56 39.35
N MET A 67 3.16 11.52 39.90
CA MET A 67 4.26 11.80 40.81
C MET A 67 5.48 12.37 40.15
N MET A 68 5.85 11.81 39.03
CA MET A 68 6.98 12.29 38.29
C MET A 68 6.83 13.78 37.88
N THR A 69 5.63 14.17 37.54
CA THR A 69 5.34 15.54 37.08
C THR A 69 5.12 16.54 38.22
N HIS A 70 4.27 16.20 39.20
CA HIS A 70 3.83 17.20 40.16
C HIS A 70 4.75 17.40 41.33
N VAL A 71 5.67 16.47 41.56
CA VAL A 71 6.75 16.71 42.48
C VAL A 71 7.57 17.95 42.04
N PRO A 72 8.25 17.87 40.87
CA PRO A 72 9.04 19.01 40.47
C PRO A 72 8.19 20.24 40.15
N MET A 73 6.97 20.05 39.65
CA MET A 73 6.22 21.19 39.11
C MET A 73 5.56 21.95 40.25
N THR A 74 5.42 21.38 41.46
CA THR A 74 4.82 22.15 42.51
C THR A 74 5.90 22.84 43.30
N VAL A 75 7.14 22.48 43.06
CA VAL A 75 8.28 23.07 43.73
C VAL A 75 8.89 24.23 42.90
N SER A 76 9.08 24.02 41.59
CA SER A 76 9.40 25.10 40.65
C SER A 76 8.38 26.18 40.82
N LYS A 77 8.84 27.40 41.03
CA LYS A 77 7.96 28.52 41.29
C LYS A 77 7.07 28.90 40.08
N GLU A 78 7.70 29.23 38.97
CA GLU A 78 6.99 29.75 37.78
C GLU A 78 7.53 29.07 36.50
N PRO A 79 7.32 27.75 36.40
CA PRO A 79 8.07 27.03 35.35
C PRO A 79 7.43 27.41 34.02
N LYS A 80 8.28 27.79 33.07
CA LYS A 80 7.83 28.21 31.73
C LYS A 80 8.19 27.26 30.64
N ASN A 81 9.41 26.73 30.70
CA ASN A 81 9.88 25.78 29.71
C ASN A 81 10.24 24.43 30.39
N VAL A 82 9.63 23.34 29.90
CA VAL A 82 9.84 22.00 30.46
C VAL A 82 10.23 21.00 29.35
N LEU A 83 11.26 20.23 29.59
CA LEU A 83 11.71 19.12 28.71
C LEU A 83 11.29 17.77 29.31
N VAL A 84 10.78 16.91 28.45
CA VAL A 84 10.58 15.52 28.83
C VAL A 84 11.51 14.71 27.97
N VAL A 85 12.33 13.89 28.61
CA VAL A 85 13.16 12.95 27.90
C VAL A 85 12.53 11.58 27.94
N GLY A 86 12.39 10.92 26.79
CA GLY A 86 11.71 9.60 26.70
C GLY A 86 10.24 9.93 26.84
N GLY A 87 9.45 9.04 27.41
CA GLY A 87 8.08 9.41 27.66
C GLY A 87 7.16 9.56 26.44
N GLY A 88 7.46 8.79 25.37
CA GLY A 88 6.74 8.94 24.08
C GLY A 88 5.27 8.69 24.23
N ASP A 89 4.88 7.95 25.28
CA ASP A 89 3.48 7.67 25.51
C ASP A 89 2.66 8.90 25.74
N GLY A 90 3.29 9.93 26.27
CA GLY A 90 2.53 11.21 26.49
C GLY A 90 2.01 11.50 27.88
N GLY A 91 2.17 10.53 28.78
CA GLY A 91 1.59 10.67 30.15
C GLY A 91 2.12 11.89 30.90
N ILE A 92 3.42 12.06 30.91
CA ILE A 92 3.98 13.23 31.56
C ILE A 92 3.40 14.53 30.93
N ILE A 93 3.44 14.57 29.60
CA ILE A 93 2.90 15.72 28.86
C ILE A 93 1.49 16.00 29.26
N ARG A 94 0.64 14.98 29.39
CA ARG A 94 -0.79 15.18 29.82
C ARG A 94 -0.84 15.97 31.17
N GLU A 95 0.05 15.60 32.08
CA GLU A 95 0.05 16.19 33.44
C GLU A 95 0.63 17.60 33.38
N LEU A 96 1.68 17.81 32.58
CA LEU A 96 2.20 19.15 32.34
C LEU A 96 1.21 20.14 31.75
N CYS A 97 0.37 19.71 30.83
CA CYS A 97 -0.53 20.65 30.17
C CYS A 97 -1.55 21.29 31.14
N LYS A 98 -1.76 20.68 32.30
CA LYS A 98 -2.64 21.21 33.32
C LYS A 98 -2.16 22.52 33.94
N TYR A 99 -0.87 22.81 33.81
CA TYR A 99 -0.31 24.05 34.27
C TYR A 99 -0.46 25.19 33.21
N LYS A 100 -1.37 26.11 33.49
CA LYS A 100 -1.60 27.32 32.62
C LYS A 100 -0.38 28.20 32.44
N SER A 101 0.47 28.25 33.45
CA SER A 101 1.69 29.02 33.40
C SER A 101 2.81 28.51 32.45
N VAL A 102 2.75 27.22 32.10
CA VAL A 102 3.81 26.67 31.25
C VAL A 102 3.59 27.24 29.82
N GLU A 103 4.65 27.70 29.18
CA GLU A 103 4.60 28.25 27.82
C GLU A 103 5.07 27.28 26.71
N ASN A 104 6.05 26.43 27.05
CA ASN A 104 6.60 25.49 26.11
C ASN A 104 6.84 24.11 26.77
N ILE A 105 6.53 23.07 26.03
CA ILE A 105 6.88 21.71 26.41
C ILE A 105 7.55 20.99 25.27
N ASP A 106 8.81 20.67 25.45
CA ASP A 106 9.54 19.92 24.49
C ASP A 106 9.61 18.45 24.93
N ILE A 107 9.53 17.52 23.96
CA ILE A 107 9.81 16.13 24.25
C ILE A 107 10.77 15.59 23.23
N CYS A 108 11.73 14.87 23.77
CA CYS A 108 12.74 14.20 23.03
C CYS A 108 12.60 12.67 23.22
N GLU A 109 12.16 11.97 22.18
CA GLU A 109 11.92 10.51 22.21
C GLU A 109 12.52 9.95 20.96
N ILE A 110 13.40 8.97 21.10
CA ILE A 110 14.13 8.39 19.97
C ILE A 110 13.27 7.59 18.98
N ASP A 111 12.16 7.03 19.45
CA ASP A 111 11.36 6.04 18.67
C ASP A 111 9.92 6.55 18.40
N GLU A 112 9.72 7.09 17.22
CA GLU A 112 8.47 7.71 16.90
C GLU A 112 7.27 6.75 16.87
N THR A 113 7.54 5.48 16.67
CA THR A 113 6.52 4.41 16.75
C THR A 113 5.84 4.38 18.12
N VAL A 114 6.60 4.66 19.18
CA VAL A 114 6.02 4.73 20.55
C VAL A 114 5.00 5.81 20.62
N ILE A 115 5.34 7.00 20.11
CA ILE A 115 4.40 8.13 20.09
C ILE A 115 3.13 7.83 19.28
N GLU A 116 3.35 7.33 18.07
CA GLU A 116 2.24 7.06 17.12
C GLU A 116 1.26 5.97 17.69
N VAL A 117 1.80 4.89 18.24
CA VAL A 117 1.01 3.83 18.88
C VAL A 117 0.24 4.35 20.06
N SER A 118 0.87 5.25 20.84
CA SER A 118 0.16 5.90 21.94
C SER A 118 -0.97 6.80 21.46
N LYS A 119 -0.77 7.52 20.36
CA LYS A 119 -1.84 8.39 19.82
C LYS A 119 -3.04 7.62 19.30
N ILE A 120 -2.80 6.41 18.81
CA ILE A 120 -3.84 5.59 18.22
C ILE A 120 -4.54 4.77 19.34
N TYR A 121 -3.75 4.06 20.16
CA TYR A 121 -4.29 3.10 21.13
C TYR A 121 -4.50 3.61 22.53
N PHE A 122 -3.90 4.73 22.94
CA PHE A 122 -3.98 5.17 24.35
C PHE A 122 -4.42 6.59 24.38
N LYS A 123 -5.65 6.89 23.95
CA LYS A 123 -6.00 8.29 23.71
C LYS A 123 -6.10 9.12 24.99
N ASN A 124 -6.32 8.47 26.12
CA ASN A 124 -6.39 9.25 27.37
C ASN A 124 -5.06 9.45 27.96
N ILE A 125 -4.04 8.84 27.36
CA ILE A 125 -2.68 9.15 27.75
C ILE A 125 -1.95 10.17 26.83
N SER A 126 -2.24 10.10 25.51
CA SER A 126 -1.50 10.83 24.48
C SER A 126 -2.26 12.13 24.12
N CYS A 127 -3.29 12.48 24.87
CA CYS A 127 -4.15 13.63 24.55
C CYS A 127 -3.39 14.98 24.64
N GLY A 128 -2.33 15.06 25.43
CA GLY A 128 -1.53 16.31 25.50
C GLY A 128 -0.83 16.66 24.19
N TYR A 129 -0.57 15.66 23.34
CA TYR A 129 0.05 16.01 22.04
C TYR A 129 -0.78 17.03 21.19
N GLU A 130 -2.07 17.20 21.44
CA GLU A 130 -2.88 18.24 20.74
C GLU A 130 -2.62 19.64 21.21
N ASP A 131 -1.90 19.82 22.32
CA ASP A 131 -1.75 21.10 22.97
C ASP A 131 -0.69 21.82 22.17
N LYS A 132 -1.04 23.03 21.76
CA LYS A 132 -0.15 23.88 20.95
C LYS A 132 1.20 24.18 21.56
N ARG A 133 1.35 24.07 22.87
CA ARG A 133 2.66 24.34 23.47
C ARG A 133 3.66 23.20 23.31
N VAL A 134 3.19 22.04 22.81
CA VAL A 134 4.00 20.84 22.80
C VAL A 134 4.80 20.69 21.53
N ASN A 135 6.08 20.46 21.62
CA ASN A 135 6.93 20.27 20.48
C ASN A 135 7.67 18.94 20.60
N VAL A 136 7.69 18.16 19.52
CA VAL A 136 8.24 16.79 19.51
C VAL A 136 9.52 16.70 18.75
N PHE A 137 10.52 16.03 19.28
CA PHE A 137 11.79 15.86 18.62
C PHE A 137 12.09 14.37 18.68
N ILE A 138 12.27 13.78 17.50
CA ILE A 138 12.61 12.41 17.32
C ILE A 138 14.11 12.26 17.18
N GLU A 139 14.78 11.87 18.24
CA GLU A 139 16.18 12.13 18.35
C GLU A 139 16.75 11.52 19.67
N ASP A 140 17.96 11.04 19.62
CA ASP A 140 18.71 10.60 20.73
C ASP A 140 18.74 11.76 21.76
N ALA A 141 18.48 11.46 23.05
CA ALA A 141 18.48 12.45 24.10
C ALA A 141 19.82 13.15 24.32
N SER A 142 20.92 12.42 24.25
CA SER A 142 22.26 12.97 24.34
C SER A 142 22.58 14.05 23.32
N LYS A 143 22.28 13.71 22.10
CA LYS A 143 22.38 14.67 21.01
C LYS A 143 21.44 15.87 21.20
N PHE A 144 20.18 15.64 21.50
CA PHE A 144 19.28 16.70 21.78
C PHE A 144 19.83 17.67 22.86
N LEU A 145 20.21 17.14 24.02
CA LEU A 145 20.80 17.94 25.11
C LEU A 145 22.08 18.69 24.72
N GLU A 146 22.89 18.11 23.86
CA GLU A 146 24.10 18.78 23.37
C GLU A 146 23.78 19.97 22.44
N ASN A 147 22.70 19.86 21.69
CA ASN A 147 22.36 20.80 20.66
C ASN A 147 21.35 21.90 21.06
N VAL A 148 20.61 21.68 22.12
CA VAL A 148 19.48 22.55 22.42
C VAL A 148 20.12 23.88 22.86
N THR A 149 19.52 25.01 22.45
CA THR A 149 20.03 26.35 22.84
C THR A 149 19.35 26.87 24.06
N ASN A 150 18.06 26.57 24.20
CA ASN A 150 17.29 26.94 25.34
C ASN A 150 17.78 26.25 26.63
N THR A 151 17.44 26.82 27.79
CA THR A 151 17.59 26.11 29.06
C THR A 151 16.19 25.94 29.66
N TYR A 152 16.00 24.94 30.52
CA TYR A 152 14.72 24.59 31.06
C TYR A 152 14.55 24.83 32.56
N ASP A 153 13.30 25.11 32.94
CA ASP A 153 12.92 25.20 34.37
C ASP A 153 12.86 23.81 35.06
N VAL A 154 12.36 22.80 34.32
CA VAL A 154 12.26 21.41 34.81
C VAL A 154 12.58 20.46 33.65
N ILE A 155 13.39 19.42 33.92
CA ILE A 155 13.57 18.30 33.01
C ILE A 155 13.08 17.01 33.72
N ILE A 156 12.23 16.24 33.04
CA ILE A 156 11.70 14.98 33.55
C ILE A 156 12.18 13.87 32.64
N VAL A 157 13.00 12.98 33.17
CA VAL A 157 13.56 11.89 32.43
C VAL A 157 12.70 10.63 32.67
N ASP A 158 11.75 10.40 31.75
CA ASP A 158 10.87 9.27 31.76
C ASP A 158 11.49 8.21 30.83
N SER A 159 12.58 7.60 31.30
CA SER A 159 13.32 6.60 30.56
C SER A 159 12.82 5.22 30.85
N SER A 160 12.99 4.33 29.88
CA SER A 160 12.92 2.90 30.12
C SER A 160 14.10 2.48 31.04
N ASP A 161 14.27 1.16 31.14
CA ASP A 161 15.39 0.55 31.85
C ASP A 161 16.72 0.63 31.09
N PRO A 162 17.85 0.44 31.83
CA PRO A 162 19.21 0.52 31.21
C PRO A 162 19.53 -0.54 30.13
N ILE A 163 18.75 -1.61 30.04
CA ILE A 163 18.85 -2.57 28.94
C ILE A 163 17.94 -1.97 27.87
N GLY A 164 18.52 -1.43 26.80
CA GLY A 164 17.78 -0.94 25.63
C GLY A 164 18.27 0.40 25.11
N PRO A 165 17.42 1.15 24.37
CA PRO A 165 17.88 2.49 23.95
C PRO A 165 18.14 3.49 25.13
N ALA A 166 17.51 3.25 26.31
CA ALA A 166 17.73 4.09 27.53
C ALA A 166 19.03 3.81 28.29
N GLU A 167 19.88 2.93 27.74
CA GLU A 167 21.18 2.59 28.33
C GLU A 167 22.07 3.82 28.54
N THR A 168 22.07 4.68 27.53
CA THR A 168 22.85 5.92 27.55
C THR A 168 22.36 6.93 28.63
N LEU A 169 21.17 6.75 29.21
CA LEU A 169 20.61 7.76 30.16
C LEU A 169 20.96 7.54 31.69
N PHE A 170 21.83 6.55 31.93
CA PHE A 170 22.20 6.10 33.25
C PHE A 170 23.73 6.19 33.31
N ASN A 171 24.33 7.37 33.07
CA ASN A 171 25.80 7.55 33.28
C ASN A 171 26.14 8.98 33.64
N GLN A 172 27.41 9.23 33.97
CA GLN A 172 27.83 10.54 34.45
C GLN A 172 27.66 11.65 33.42
N ASN A 173 28.00 11.35 32.17
CA ASN A 173 28.02 12.36 31.13
C ASN A 173 26.68 12.95 30.90
N PHE A 174 25.70 12.09 30.96
CA PHE A 174 24.34 12.49 30.78
C PHE A 174 23.90 13.46 31.82
N TYR A 175 24.30 13.21 33.07
CA TYR A 175 23.88 14.07 34.14
C TYR A 175 24.54 15.48 34.00
N GLU A 176 25.76 15.53 33.48
CA GLU A 176 26.39 16.80 33.10
C GLU A 176 25.55 17.66 32.13
N LYS A 177 25.00 16.97 31.12
CA LYS A 177 24.28 17.66 30.07
C LYS A 177 22.96 18.17 30.60
N ILE A 178 22.35 17.38 31.47
CA ILE A 178 21.12 17.77 32.09
C ILE A 178 21.41 19.05 32.93
N TYR A 179 22.49 18.98 33.71
CA TYR A 179 22.84 20.08 34.57
C TYR A 179 23.00 21.36 33.68
N ASN A 180 23.75 21.26 32.59
CA ASN A 180 24.00 22.42 31.75
C ASN A 180 22.73 22.91 31.05
N ALA A 181 21.77 22.02 30.84
CA ALA A 181 20.49 22.38 30.19
C ALA A 181 19.44 22.95 31.11
N LEU A 182 19.72 23.02 32.43
CA LEU A 182 18.74 23.55 33.36
C LEU A 182 19.03 25.04 33.65
N LYS A 183 18.01 25.84 33.87
CA LYS A 183 18.20 27.17 34.47
C LYS A 183 18.98 27.10 35.81
N PRO A 184 19.48 28.23 36.28
CA PRO A 184 20.37 28.12 37.48
C PRO A 184 19.64 27.67 38.77
N ASN A 185 18.32 27.86 38.86
CA ASN A 185 17.47 27.33 39.95
C ASN A 185 16.57 26.15 39.45
N GLY A 186 17.00 25.43 38.42
CA GLY A 186 16.11 24.44 37.77
C GLY A 186 16.23 23.05 38.43
N TYR A 187 15.31 22.17 38.04
CA TYR A 187 15.19 20.87 38.71
C TYR A 187 15.12 19.80 37.67
N CYS A 188 15.74 18.64 37.94
CA CYS A 188 15.54 17.42 37.15
C CYS A 188 15.06 16.29 38.03
N VAL A 189 14.01 15.57 37.61
CA VAL A 189 13.63 14.25 38.17
C VAL A 189 13.78 13.16 37.11
N ALA A 190 14.23 11.96 37.51
CA ALA A 190 14.47 10.87 36.61
C ALA A 190 13.99 9.53 37.18
N GLN A 191 13.48 8.66 36.33
CA GLN A 191 13.17 7.30 36.72
C GLN A 191 14.43 6.62 37.24
N CYS A 192 14.27 5.99 38.41
CA CYS A 192 15.41 5.45 39.12
C CYS A 192 15.08 4.18 39.92
N GLU A 193 14.29 3.32 39.30
CA GLU A 193 14.39 1.88 39.53
C GLU A 193 13.79 1.47 40.92
N SER A 194 13.78 0.17 41.26
CA SER A 194 13.11 -0.28 42.50
C SER A 194 14.08 -0.53 43.64
N LEU A 195 13.76 0.03 44.78
CA LEU A 195 14.60 -0.10 45.96
C LEU A 195 14.68 -1.54 46.48
N TRP A 196 13.73 -2.37 46.07
CA TRP A 196 13.72 -3.77 46.44
C TRP A 196 14.74 -4.59 45.73
N ILE A 197 15.22 -4.14 44.58
CA ILE A 197 16.18 -4.96 43.80
C ILE A 197 17.34 -4.28 43.14
N HIS A 198 17.31 -2.96 42.98
CA HIS A 198 18.35 -2.35 42.15
C HIS A 198 19.13 -1.33 43.01
N VAL A 199 19.43 -1.69 44.25
CA VAL A 199 20.07 -0.72 45.15
C VAL A 199 21.44 -0.25 44.65
N GLY A 200 22.20 -1.14 43.99
CA GLY A 200 23.50 -0.78 43.35
C GLY A 200 23.33 0.38 42.35
N THR A 201 22.35 0.24 41.46
CA THR A 201 22.03 1.29 40.52
C THR A 201 21.62 2.57 41.25
N ILE A 202 20.76 2.49 42.26
CA ILE A 202 20.28 3.69 42.91
C ILE A 202 21.47 4.42 43.49
N LYS A 203 22.38 3.68 44.13
CA LYS A 203 23.59 4.28 44.68
C LYS A 203 24.49 4.94 43.59
N ASN A 204 24.75 4.23 42.52
CA ASN A 204 25.47 4.83 41.41
C ASN A 204 24.83 6.10 40.87
N MET A 205 23.50 6.11 40.67
CA MET A 205 22.84 7.28 40.07
C MET A 205 22.96 8.46 41.01
N ILE A 206 22.77 8.19 42.30
CA ILE A 206 22.91 9.25 43.30
C ILE A 206 24.33 9.83 43.29
N GLY A 207 25.37 8.98 43.19
CA GLY A 207 26.76 9.43 43.13
C GLY A 207 26.98 10.33 41.92
N TYR A 208 26.61 9.85 40.74
CA TYR A 208 26.63 10.66 39.52
C TYR A 208 25.98 12.00 39.72
N ALA A 209 24.78 12.03 40.27
CA ALA A 209 24.09 13.29 40.45
C ALA A 209 24.78 14.25 41.43
N LYS A 210 25.43 13.68 42.43
CA LYS A 210 26.03 14.47 43.50
C LYS A 210 27.32 15.17 43.07
N LYS A 211 28.03 14.65 42.09
CA LYS A 211 29.09 15.45 41.44
C LYS A 211 28.59 16.86 41.05
N LEU A 212 27.37 16.99 40.57
CA LEU A 212 26.92 18.23 39.93
C LEU A 212 25.95 19.05 40.70
N PHE A 213 24.99 18.38 41.31
CA PHE A 213 23.86 19.04 41.91
C PHE A 213 24.09 19.16 43.41
N LYS A 214 23.55 20.18 44.02
CA LYS A 214 23.86 20.39 45.41
C LYS A 214 22.90 19.62 46.31
N LYS A 215 21.71 19.26 45.81
CA LYS A 215 20.81 18.39 46.53
C LYS A 215 20.26 17.28 45.62
N VAL A 216 20.48 16.03 46.03
CA VAL A 216 20.03 14.86 45.34
C VAL A 216 19.24 14.05 46.37
N GLU A 217 17.98 13.79 46.05
CA GLU A 217 17.03 13.14 46.97
C GLU A 217 16.31 12.03 46.16
N TYR A 218 15.65 11.09 46.84
CA TYR A 218 15.06 9.92 46.19
C TYR A 218 13.70 9.67 46.77
N ALA A 219 12.73 9.44 45.92
CA ALA A 219 11.38 9.22 46.33
C ALA A 219 10.87 7.97 45.72
N ASN A 220 9.84 7.39 46.39
CA ASN A 220 9.25 6.12 45.96
C ASN A 220 7.78 6.21 45.63
N ILE A 221 7.37 5.47 44.60
CA ILE A 221 5.99 5.44 44.12
C ILE A 221 5.50 4.02 44.10
N SER A 222 4.31 3.83 44.57
CA SER A 222 3.68 2.51 44.56
C SER A 222 2.89 2.41 43.26
N ILE A 223 3.25 1.39 42.48
CA ILE A 223 2.64 1.10 41.20
C ILE A 223 2.78 -0.39 40.87
N PRO A 224 1.65 -1.10 40.80
CA PRO A 224 1.75 -2.56 40.80
C PRO A 224 2.40 -3.19 39.54
N THR A 225 2.35 -2.53 38.38
CA THR A 225 2.86 -3.14 37.12
C THR A 225 4.28 -2.79 36.77
N TYR A 226 5.00 -2.16 37.70
CA TYR A 226 6.42 -2.18 37.57
C TYR A 226 6.98 -3.22 38.51
N PRO A 227 8.15 -3.72 38.19
CA PRO A 227 8.76 -4.79 38.99
C PRO A 227 8.93 -4.46 40.48
N CYS A 228 8.49 -5.38 41.32
CA CYS A 228 8.47 -5.23 42.76
C CYS A 228 7.41 -4.25 43.19
N GLY A 229 6.56 -3.75 42.28
CA GLY A 229 5.42 -2.96 42.83
C GLY A 229 5.82 -1.54 43.18
N CYS A 230 7.00 -1.11 42.85
CA CYS A 230 7.32 0.31 43.09
C CYS A 230 8.42 0.75 42.19
N ILE A 231 8.56 2.08 42.06
CA ILE A 231 9.66 2.64 41.26
C ILE A 231 10.02 3.98 41.81
N GLY A 232 11.25 4.34 41.77
CA GLY A 232 11.64 5.59 42.40
C GLY A 232 11.98 6.74 41.43
N ILE A 233 12.09 7.92 42.02
CA ILE A 233 12.41 9.17 41.36
C ILE A 233 13.71 9.72 41.93
N LEU A 234 14.72 9.86 41.10
CA LEU A 234 15.93 10.57 41.50
C LEU A 234 15.69 12.04 41.25
N CYS A 235 15.94 12.83 42.28
CA CYS A 235 15.42 14.20 42.35
C CYS A 235 16.64 15.10 42.55
N CYS A 236 16.93 15.98 41.58
CA CYS A 236 18.17 16.74 41.51
C CYS A 236 17.87 18.26 41.51
N SER A 237 18.55 18.98 42.39
CA SER A 237 18.24 20.37 42.69
C SER A 237 19.55 21.13 42.66
N LYS A 238 19.50 22.34 42.09
CA LYS A 238 20.70 23.18 42.05
C LYS A 238 20.76 24.12 43.27
N THR A 239 19.72 24.05 44.09
CA THR A 239 19.46 24.90 45.24
C THR A 239 19.61 24.12 46.53
N ASP A 240 19.91 24.84 47.62
CA ASP A 240 20.00 24.24 48.96
C ASP A 240 18.76 23.41 49.28
N THR A 241 17.60 23.89 48.85
CA THR A 241 16.30 23.49 49.42
C THR A 241 15.64 22.19 48.90
N GLY A 242 15.89 21.78 47.66
CA GLY A 242 15.42 20.46 47.20
C GLY A 242 13.93 20.37 46.87
N LEU A 243 13.49 19.12 46.70
CA LEU A 243 12.22 18.84 46.07
C LEU A 243 11.23 18.17 47.02
N THR A 244 11.59 18.05 48.31
CA THR A 244 10.70 17.32 49.21
C THR A 244 9.47 18.07 49.63
N LYS A 245 9.45 19.40 49.49
CA LYS A 245 8.30 20.22 49.99
C LYS A 245 7.64 21.07 48.89
N PRO A 246 6.32 20.87 48.59
CA PRO A 246 5.76 21.66 47.50
C PRO A 246 5.63 23.15 47.85
N ASN A 247 5.67 24.06 46.86
CA ASN A 247 5.42 25.49 47.16
C ASN A 247 4.06 25.95 46.73
N LYS A 248 3.21 25.03 46.33
CA LYS A 248 1.87 25.38 45.97
C LYS A 248 1.02 24.18 46.11
N LYS A 249 -0.27 24.43 46.15
CA LYS A 249 -1.27 23.40 46.07
C LYS A 249 -1.98 23.40 44.74
N LEU A 250 -2.26 22.20 44.28
CA LEU A 250 -2.92 22.05 43.02
C LEU A 250 -4.41 22.07 43.19
N GLU A 251 -4.96 23.28 43.14
CA GLU A 251 -6.34 23.57 43.56
C GLU A 251 -7.28 24.00 42.47
N SER A 252 -6.77 24.40 41.30
CA SER A 252 -7.61 24.79 40.18
C SER A 252 -8.28 23.59 39.52
N LYS A 253 -9.30 23.88 38.72
CA LYS A 253 -10.16 22.88 38.15
C LYS A 253 -9.49 21.79 37.32
N GLU A 254 -8.32 22.11 36.74
CA GLU A 254 -7.56 21.20 35.84
C GLU A 254 -6.92 20.04 36.63
N PHE A 255 -6.77 20.24 37.95
CA PHE A 255 -6.23 19.23 38.85
C PHE A 255 -7.27 18.51 39.68
N ALA A 256 -8.55 18.76 39.49
CA ALA A 256 -9.53 18.12 40.35
C ALA A 256 -9.55 16.57 40.17
N ASP A 257 -9.09 16.08 39.02
CA ASP A 257 -9.16 14.67 38.61
C ASP A 257 -7.93 13.85 39.04
N LEU A 258 -7.02 14.45 39.79
CA LEU A 258 -5.83 13.73 40.18
C LEU A 258 -6.24 12.52 41.05
N LYS A 259 -5.53 11.43 40.83
CA LYS A 259 -5.86 10.18 41.43
C LYS A 259 -4.79 9.64 42.38
N TYR A 260 -3.58 10.20 42.36
CA TYR A 260 -2.58 9.81 43.30
C TYR A 260 -1.98 10.93 44.07
N TYR A 261 -1.26 11.80 43.38
CA TYR A 261 -0.63 12.95 44.00
C TYR A 261 -1.59 13.79 44.86
N ASN A 262 -1.10 14.17 46.02
CA ASN A 262 -1.68 15.34 46.76
C ASN A 262 -0.57 15.97 47.56
N TYR A 263 -0.88 17.05 48.24
CA TYR A 263 0.15 17.79 48.94
C TYR A 263 0.92 16.98 50.01
N GLU A 264 0.19 16.23 50.81
CA GLU A 264 0.82 15.40 51.90
C GLU A 264 1.71 14.27 51.31
N ASN A 265 1.16 13.59 50.32
CA ASN A 265 1.91 12.41 49.84
C ASN A 265 3.10 12.76 48.97
N HIS A 266 3.17 14.00 48.49
CA HIS A 266 4.45 14.51 47.96
C HIS A 266 5.58 14.30 48.97
N SER A 267 5.46 14.83 50.19
CA SER A 267 6.59 14.69 51.15
C SER A 267 6.76 13.27 51.66
N ALA A 268 5.65 12.60 51.84
CA ALA A 268 5.65 11.21 52.34
C ALA A 268 6.44 10.25 51.44
N ALA A 269 6.47 10.53 50.11
CA ALA A 269 7.17 9.66 49.17
C ALA A 269 8.69 9.65 49.40
N PHE A 270 9.19 10.66 50.10
CA PHE A 270 10.63 10.73 50.36
C PHE A 270 10.99 10.06 51.70
N LYS A 271 10.03 9.55 52.44
CA LYS A 271 10.38 8.83 53.70
C LYS A 271 10.67 7.39 53.41
N LEU A 272 11.93 6.98 53.33
CA LEU A 272 12.23 5.70 52.71
C LEU A 272 12.49 4.59 53.76
N PRO A 273 12.40 3.33 53.33
CA PRO A 273 12.71 2.23 54.28
C PRO A 273 14.07 2.35 54.86
N ALA A 274 14.16 1.97 56.13
CA ALA A 274 15.43 2.14 56.85
C ALA A 274 16.65 1.58 56.14
N PHE A 275 16.54 0.40 55.48
CA PHE A 275 17.75 -0.20 54.91
C PHE A 275 18.30 0.62 53.72
N LEU A 276 17.41 1.30 53.01
CA LEU A 276 17.83 2.17 51.89
C LEU A 276 18.56 3.41 52.39
N LEU A 277 18.04 4.06 53.44
CA LEU A 277 18.80 5.16 54.09
C LEU A 277 20.22 4.80 54.45
N LYS A 278 20.37 3.62 54.99
CA LYS A 278 21.66 3.16 55.40
C LYS A 278 22.55 2.94 54.17
N GLU A 279 21.98 2.47 53.08
CA GLU A 279 22.82 2.14 51.93
C GLU A 279 23.39 3.40 51.26
N ILE A 280 22.65 4.49 51.35
CA ILE A 280 22.99 5.63 50.58
C ILE A 280 23.45 6.73 51.51
N GLU A 281 23.96 6.40 52.69
CA GLU A 281 24.19 7.45 53.67
C GLU A 281 25.54 8.12 53.46
N ASN A 282 26.55 7.33 53.09
CA ASN A 282 27.91 7.86 52.93
C ASN A 282 28.28 8.07 51.49
N ILE A 283 27.30 8.30 50.60
CA ILE A 283 27.61 8.44 49.18
C ILE A 283 28.26 9.81 49.01
N LYS B 3 -18.59 -12.52 8.77
CA LYS B 3 -17.44 -11.84 8.08
C LYS B 3 -18.02 -10.92 7.00
N LYS B 4 -17.65 -9.64 6.98
CA LYS B 4 -18.30 -8.63 6.15
C LYS B 4 -17.43 -8.23 4.92
N TRP B 5 -17.99 -7.48 3.99
CA TRP B 5 -17.30 -7.02 2.81
C TRP B 5 -17.18 -5.51 2.83
N PHE B 6 -16.01 -4.99 2.43
CA PHE B 6 -15.89 -3.59 2.07
C PHE B 6 -16.33 -3.42 0.57
N SER B 7 -17.17 -2.45 0.26
CA SER B 7 -17.49 -2.12 -1.08
C SER B 7 -17.26 -0.62 -1.33
N GLU B 8 -16.82 -0.36 -2.54
CA GLU B 8 -16.37 0.92 -3.08
C GLU B 8 -17.34 1.34 -4.21
N PHE B 9 -18.16 2.38 -4.00
CA PHE B 9 -19.00 3.00 -5.02
C PHE B 9 -18.54 4.44 -5.23
N SER B 10 -18.82 5.03 -6.39
CA SER B 10 -18.50 6.39 -6.61
C SER B 10 -19.29 6.91 -7.77
N ILE B 11 -19.66 8.18 -7.66
CA ILE B 11 -20.24 8.88 -8.77
C ILE B 11 -19.25 9.04 -9.91
N MET B 12 -17.94 8.98 -9.68
CA MET B 12 -17.01 8.95 -10.81
C MET B 12 -16.92 7.61 -11.55
N TRP B 13 -17.55 6.56 -11.06
CA TRP B 13 -17.64 5.29 -11.87
C TRP B 13 -19.02 4.67 -11.64
N PRO B 14 -20.00 5.31 -12.19
CA PRO B 14 -21.32 4.93 -11.80
C PRO B 14 -21.72 3.62 -12.47
N GLY B 15 -22.53 2.87 -11.79
CA GLY B 15 -22.97 1.57 -12.32
C GLY B 15 -22.00 0.41 -12.11
N GLN B 16 -20.90 0.61 -11.40
CA GLN B 16 -20.03 -0.48 -11.08
C GLN B 16 -19.53 -0.35 -9.65
N ALA B 17 -19.14 -1.45 -9.06
CA ALA B 17 -18.51 -1.41 -7.72
C ALA B 17 -17.49 -2.50 -7.61
N PHE B 18 -16.56 -2.29 -6.67
CA PHE B 18 -15.56 -3.29 -6.39
C PHE B 18 -15.54 -3.56 -4.89
N SER B 19 -15.42 -4.83 -4.50
CA SER B 19 -15.49 -5.23 -3.12
C SER B 19 -14.39 -6.23 -2.72
N LEU B 20 -14.01 -6.14 -1.44
CA LEU B 20 -13.03 -7.01 -0.84
C LEU B 20 -13.59 -7.47 0.54
N LYS B 21 -13.42 -8.75 0.78
CA LYS B 21 -13.80 -9.39 2.01
C LYS B 21 -12.81 -8.95 3.14
N ILE B 22 -13.41 -8.52 4.25
CA ILE B 22 -12.68 -8.03 5.44
C ILE B 22 -12.35 -9.16 6.36
N LYS B 23 -11.08 -9.35 6.63
CA LYS B 23 -10.65 -10.26 7.67
C LYS B 23 -10.75 -9.55 9.05
N LYS B 24 -10.19 -8.35 9.19
CA LYS B 24 -10.46 -7.52 10.38
C LYS B 24 -10.15 -6.07 10.16
N ILE B 25 -10.91 -5.19 10.80
CA ILE B 25 -10.67 -3.79 10.77
C ILE B 25 -9.54 -3.48 11.72
N LEU B 26 -8.58 -2.67 11.29
CA LEU B 26 -7.47 -2.38 12.16
C LEU B 26 -7.59 -1.00 12.73
N TYR B 27 -8.20 -0.08 12.01
CA TYR B 27 -8.19 1.33 12.40
C TYR B 27 -9.22 2.10 11.57
N GLU B 28 -9.98 2.97 12.22
CA GLU B 28 -10.82 3.93 11.55
C GLU B 28 -10.76 5.23 12.31
N THR B 29 -10.70 6.35 11.62
CA THR B 29 -10.74 7.63 12.29
C THR B 29 -11.09 8.64 11.29
N LYS B 30 -11.63 9.77 11.70
CA LYS B 30 -11.76 10.89 10.78
C LYS B 30 -10.61 11.85 11.04
N SER B 31 -9.84 12.16 10.03
CA SER B 31 -8.80 13.13 10.21
C SER B 31 -9.39 14.52 10.01
N LYS B 32 -8.54 15.54 10.06
CA LYS B 32 -8.98 16.90 9.70
C LYS B 32 -9.43 17.03 8.25
N TYR B 33 -9.01 16.11 7.37
CA TYR B 33 -9.32 16.25 5.93
C TYR B 33 -10.15 15.11 5.34
N GLN B 34 -10.15 13.90 5.91
CA GLN B 34 -10.88 12.78 5.27
C GLN B 34 -11.07 11.64 6.19
N ASN B 35 -11.98 10.74 5.85
CA ASN B 35 -12.17 9.51 6.62
C ASN B 35 -11.09 8.52 6.22
N VAL B 36 -10.52 7.90 7.24
CA VAL B 36 -9.43 6.97 7.10
C VAL B 36 -9.82 5.61 7.67
N LEU B 37 -9.65 4.58 6.84
CA LEU B 37 -9.95 3.21 7.21
C LEU B 37 -8.79 2.33 6.80
N VAL B 38 -8.34 1.48 7.71
CA VAL B 38 -7.37 0.45 7.41
C VAL B 38 -7.93 -0.93 7.81
N PHE B 39 -7.92 -1.91 6.91
CA PHE B 39 -8.40 -3.25 7.24
C PHE B 39 -7.53 -4.28 6.62
N GLU B 40 -7.44 -5.42 7.27
CA GLU B 40 -6.82 -6.59 6.67
C GLU B 40 -7.91 -7.27 5.86
N SER B 41 -7.66 -7.42 4.55
CA SER B 41 -8.58 -8.08 3.65
C SER B 41 -8.27 -9.53 3.71
N THR B 42 -9.16 -10.41 3.22
CA THR B 42 -8.83 -11.85 3.27
C THR B 42 -7.80 -12.24 2.24
N THR B 43 -7.69 -11.54 1.10
CA THR B 43 -6.75 -12.00 0.08
C THR B 43 -5.87 -10.92 -0.57
N TYR B 44 -6.00 -9.65 -0.23
CA TYR B 44 -5.22 -8.56 -0.84
C TYR B 44 -4.26 -7.91 0.19
N GLY B 45 -4.06 -8.59 1.32
CA GLY B 45 -3.32 -7.97 2.44
C GLY B 45 -4.06 -6.81 3.06
N LYS B 46 -3.29 -5.90 3.64
CA LYS B 46 -3.89 -4.72 4.24
C LYS B 46 -4.26 -3.68 3.20
N VAL B 47 -5.36 -2.95 3.48
CA VAL B 47 -5.98 -2.03 2.59
C VAL B 47 -6.15 -0.70 3.28
N LEU B 48 -5.79 0.35 2.59
CA LEU B 48 -6.00 1.73 3.04
C LEU B 48 -7.16 2.38 2.25
N VAL B 49 -8.18 2.89 2.93
CA VAL B 49 -9.33 3.54 2.29
C VAL B 49 -9.45 4.97 2.79
N LEU B 50 -9.53 5.89 1.86
CA LEU B 50 -9.64 7.32 2.14
C LEU B 50 -10.95 7.83 1.52
N ASP B 51 -11.80 8.37 2.37
CA ASP B 51 -13.17 8.72 1.99
C ASP B 51 -13.90 7.65 1.19
N GLY B 52 -13.88 6.45 1.70
CA GLY B 52 -14.59 5.34 1.09
C GLY B 52 -13.99 4.76 -0.18
N VAL B 53 -12.89 5.33 -0.69
CA VAL B 53 -12.29 4.84 -1.90
C VAL B 53 -10.93 4.20 -1.58
N ILE B 54 -10.57 3.09 -2.25
CA ILE B 54 -9.28 2.43 -2.02
C ILE B 54 -8.10 3.28 -2.46
N GLN B 55 -7.19 3.53 -1.56
CA GLN B 55 -5.99 4.22 -1.85
C GLN B 55 -4.84 3.23 -2.23
N LEU B 56 -4.69 2.12 -1.52
CA LEU B 56 -3.74 1.06 -1.88
C LEU B 56 -4.04 -0.24 -1.21
N THR B 57 -3.49 -1.33 -1.72
CA THR B 57 -3.47 -2.56 -1.02
C THR B 57 -2.05 -3.12 -1.09
N GLU B 58 -1.67 -3.94 -0.12
CA GLU B 58 -0.34 -4.47 -0.12
C GLU B 58 -0.16 -5.38 -1.31
N LYS B 59 -1.22 -6.08 -1.75
CA LYS B 59 -0.99 -7.09 -2.80
C LYS B 59 -0.53 -6.41 -4.13
N ASP B 60 -1.02 -5.23 -4.47
CA ASP B 60 -0.75 -4.70 -5.84
C ASP B 60 -0.12 -3.34 -5.91
N GLU B 61 0.15 -2.71 -4.76
CA GLU B 61 0.62 -1.32 -4.74
C GLU B 61 1.88 -1.16 -5.50
N PHE B 62 2.68 -2.21 -5.57
CA PHE B 62 3.96 -2.09 -6.28
C PHE B 62 3.85 -1.73 -7.75
N ALA B 63 2.75 -2.09 -8.42
CA ALA B 63 2.62 -1.81 -9.86
C ALA B 63 2.55 -0.31 -10.14
N TYR B 64 1.77 0.36 -9.35
CA TYR B 64 1.56 1.75 -9.44
C TYR B 64 2.81 2.53 -8.96
N HIS B 65 3.30 2.21 -7.77
CA HIS B 65 4.50 2.95 -7.28
C HIS B 65 5.73 2.74 -8.15
N GLU B 66 5.96 1.53 -8.65
CA GLU B 66 7.14 1.32 -9.53
C GLU B 66 7.03 2.03 -10.83
N MET B 67 5.86 1.98 -11.48
CA MET B 67 5.70 2.58 -12.83
C MET B 67 5.74 4.09 -12.79
N MET B 68 5.08 4.67 -11.79
CA MET B 68 5.10 6.10 -11.62
C MET B 68 6.50 6.59 -11.36
N THR B 69 7.29 5.81 -10.62
CA THR B 69 8.63 6.27 -10.24
C THR B 69 9.68 5.99 -11.31
N HIS B 70 9.74 4.75 -11.78
CA HIS B 70 10.85 4.34 -12.61
C HIS B 70 10.73 4.75 -14.06
N VAL B 71 9.53 5.05 -14.54
CA VAL B 71 9.44 5.70 -15.86
C VAL B 71 10.25 7.02 -15.92
N PRO B 72 9.92 8.07 -15.12
CA PRO B 72 10.76 9.26 -15.24
C PRO B 72 12.19 9.11 -14.72
N MET B 73 12.39 8.34 -13.66
CA MET B 73 13.72 8.22 -13.06
C MET B 73 14.67 7.39 -13.90
N THR B 74 14.22 6.61 -14.89
CA THR B 74 15.20 6.03 -15.80
C THR B 74 15.51 6.89 -17.01
N VAL B 75 14.75 7.96 -17.21
CA VAL B 75 14.93 8.84 -18.36
C VAL B 75 15.74 10.09 -17.94
N SER B 76 15.37 10.70 -16.81
CA SER B 76 16.16 11.83 -16.27
C SER B 76 17.58 11.30 -15.94
N LYS B 77 18.60 12.02 -16.37
CA LYS B 77 19.99 11.65 -16.06
C LYS B 77 20.49 12.41 -14.84
N GLU B 78 20.99 11.69 -13.90
CA GLU B 78 21.54 12.30 -12.67
C GLU B 78 20.51 13.20 -11.96
N PRO B 79 19.26 12.78 -11.82
CA PRO B 79 18.38 13.64 -11.06
C PRO B 79 18.92 13.84 -9.62
N LYS B 80 18.87 15.08 -9.13
CA LYS B 80 19.32 15.44 -7.77
C LYS B 80 18.21 15.83 -6.83
N ASN B 81 17.16 16.51 -7.38
CA ASN B 81 16.09 16.97 -6.53
C ASN B 81 14.81 16.44 -7.13
N VAL B 82 14.03 15.78 -6.29
CA VAL B 82 12.76 15.17 -6.70
C VAL B 82 11.68 15.53 -5.69
N LEU B 83 10.49 15.84 -6.18
CA LEU B 83 9.36 16.17 -5.38
C LEU B 83 8.24 15.22 -5.64
N VAL B 84 7.66 14.72 -4.53
CA VAL B 84 6.42 14.00 -4.55
C VAL B 84 5.22 14.79 -4.06
N VAL B 85 4.18 14.96 -4.89
CA VAL B 85 2.98 15.69 -4.44
C VAL B 85 1.96 14.66 -4.05
N GLY B 86 1.40 14.77 -2.84
CA GLY B 86 0.53 13.75 -2.31
C GLY B 86 1.36 12.55 -1.89
N GLY B 87 0.86 11.34 -1.97
CA GLY B 87 1.91 10.23 -1.67
C GLY B 87 2.33 10.04 -0.18
N GLY B 88 1.44 10.49 0.70
CA GLY B 88 1.64 10.42 2.16
C GLY B 88 1.89 8.94 2.49
N ASP B 89 1.32 8.02 1.77
CA ASP B 89 1.54 6.61 2.10
C ASP B 89 3.02 6.18 2.00
N GLY B 90 3.80 6.92 1.22
CA GLY B 90 5.26 6.73 1.05
C GLY B 90 5.79 5.79 -0.05
N GLY B 91 4.88 5.20 -0.78
CA GLY B 91 5.25 4.21 -1.86
C GLY B 91 6.17 4.78 -2.91
N ILE B 92 5.89 5.97 -3.38
CA ILE B 92 6.77 6.63 -4.37
C ILE B 92 8.12 6.90 -3.72
N ILE B 93 8.11 7.44 -2.51
CA ILE B 93 9.37 7.64 -1.75
C ILE B 93 10.29 6.41 -1.69
N ARG B 94 9.70 5.27 -1.29
CA ARG B 94 10.38 3.99 -1.26
C ARG B 94 11.09 3.68 -2.53
N GLU B 95 10.38 3.89 -3.62
CA GLU B 95 11.03 3.69 -4.92
C GLU B 95 12.17 4.70 -5.20
N LEU B 96 11.95 5.98 -4.88
CA LEU B 96 12.91 6.98 -5.15
C LEU B 96 14.21 6.76 -4.35
N CYS B 97 14.10 6.23 -3.13
CA CYS B 97 15.31 6.01 -2.26
C CYS B 97 16.33 5.07 -2.85
N LYS B 98 15.87 4.25 -3.79
CA LYS B 98 16.73 3.31 -4.49
C LYS B 98 17.80 3.93 -5.40
N TYR B 99 17.60 5.18 -5.78
CA TYR B 99 18.53 5.91 -6.58
C TYR B 99 19.47 6.64 -5.67
N LYS B 100 20.67 6.11 -5.59
CA LYS B 100 21.74 6.76 -4.78
C LYS B 100 22.16 8.15 -5.25
N SER B 101 21.92 8.52 -6.50
CA SER B 101 22.31 9.84 -7.05
C SER B 101 21.48 10.99 -6.49
N VAL B 102 20.26 10.71 -6.05
CA VAL B 102 19.38 11.77 -5.61
C VAL B 102 19.86 12.38 -4.28
N GLU B 103 19.82 13.71 -4.19
CA GLU B 103 20.23 14.40 -2.97
C GLU B 103 19.10 14.73 -2.05
N ASN B 104 17.97 15.20 -2.59
CA ASN B 104 16.84 15.64 -1.83
C ASN B 104 15.58 15.07 -2.43
N ILE B 105 14.83 14.42 -1.57
CA ILE B 105 13.50 13.93 -1.89
C ILE B 105 12.53 14.74 -1.02
N ASP B 106 11.88 15.70 -1.65
CA ASP B 106 10.86 16.48 -0.97
C ASP B 106 9.50 15.85 -1.21
N ILE B 107 8.67 15.83 -0.15
CA ILE B 107 7.29 15.46 -0.26
C ILE B 107 6.35 16.47 0.40
N CYS B 108 5.27 16.74 -0.31
CA CYS B 108 4.23 17.61 0.13
C CYS B 108 2.93 16.81 0.27
N GLU B 109 2.45 16.66 1.49
CA GLU B 109 1.24 15.90 1.79
C GLU B 109 0.44 16.74 2.80
N ILE B 110 -0.83 17.00 2.52
CA ILE B 110 -1.62 17.79 3.40
C ILE B 110 -2.07 17.07 4.71
N ASP B 111 -2.21 15.75 4.73
CA ASP B 111 -2.78 15.02 5.86
C ASP B 111 -1.79 14.13 6.54
N GLU B 112 -1.29 14.61 7.66
CA GLU B 112 -0.30 13.92 8.47
C GLU B 112 -0.72 12.55 8.97
N THR B 113 -2.01 12.38 9.13
CA THR B 113 -2.56 11.12 9.63
C THR B 113 -2.32 10.00 8.63
N VAL B 114 -2.36 10.33 7.34
CA VAL B 114 -2.08 9.34 6.25
C VAL B 114 -0.66 8.81 6.45
N ILE B 115 0.29 9.71 6.63
CA ILE B 115 1.70 9.33 6.96
C ILE B 115 1.85 8.45 8.20
N GLU B 116 1.27 8.84 9.32
CA GLU B 116 1.36 8.01 10.55
C GLU B 116 0.75 6.64 10.38
N VAL B 117 -0.44 6.60 9.81
CA VAL B 117 -1.15 5.34 9.53
C VAL B 117 -0.32 4.42 8.65
N SER B 118 0.36 5.01 7.67
CA SER B 118 1.16 4.25 6.78
C SER B 118 2.41 3.78 7.52
N LYS B 119 3.02 4.64 8.37
CA LYS B 119 4.19 4.17 9.15
C LYS B 119 3.86 3.02 10.12
N ILE B 120 2.66 3.04 10.65
CA ILE B 120 2.26 2.06 11.67
C ILE B 120 1.79 0.73 11.05
N TYR B 121 0.93 0.79 10.02
CA TYR B 121 0.27 -0.40 9.40
C TYR B 121 0.84 -0.93 8.09
N PHE B 122 1.65 -0.12 7.40
CA PHE B 122 2.14 -0.47 6.10
C PHE B 122 3.63 -0.24 6.03
N LYS B 123 4.34 -0.97 6.85
CA LYS B 123 5.81 -0.80 6.97
C LYS B 123 6.68 -1.00 5.76
N ASN B 124 6.29 -1.94 4.93
CA ASN B 124 6.99 -2.17 3.69
C ASN B 124 6.73 -1.12 2.65
N ILE B 125 5.81 -0.22 2.90
CA ILE B 125 5.55 0.87 1.98
C ILE B 125 6.10 2.20 2.47
N SER B 126 6.02 2.39 3.80
CA SER B 126 6.43 3.62 4.45
C SER B 126 7.88 3.64 4.92
N CYS B 127 8.64 2.61 4.60
CA CYS B 127 10.02 2.46 5.06
C CYS B 127 10.99 3.56 4.51
N GLY B 128 10.71 4.15 3.35
CA GLY B 128 11.53 5.26 2.85
C GLY B 128 11.60 6.55 3.70
N TYR B 129 10.58 6.79 4.53
CA TYR B 129 10.65 7.89 5.53
C TYR B 129 11.90 7.90 6.48
N GLU B 130 12.59 6.78 6.59
CA GLU B 130 13.85 6.66 7.34
C GLU B 130 15.02 7.23 6.63
N ASP B 131 14.91 7.40 5.33
CA ASP B 131 16.04 7.88 4.56
C ASP B 131 16.27 9.37 4.89
N LYS B 132 17.49 9.72 5.19
CA LYS B 132 17.75 11.06 5.73
C LYS B 132 17.60 12.10 4.63
N ARG B 133 17.51 11.71 3.38
CA ARG B 133 17.37 12.69 2.30
C ARG B 133 15.95 13.14 2.16
N VAL B 134 15.02 12.51 2.92
CA VAL B 134 13.57 12.75 2.78
C VAL B 134 13.13 13.98 3.58
N ASN B 135 12.42 14.94 2.96
CA ASN B 135 11.92 16.08 3.73
C ASN B 135 10.44 16.19 3.55
N VAL B 136 9.69 16.22 4.64
CA VAL B 136 8.24 16.19 4.61
C VAL B 136 7.67 17.55 4.84
N PHE B 137 6.78 17.98 3.98
CA PHE B 137 6.12 19.23 4.11
C PHE B 137 4.63 18.98 4.20
N ILE B 138 4.05 19.32 5.36
CA ILE B 138 2.62 19.18 5.59
C ILE B 138 2.03 20.45 5.09
N GLU B 139 1.63 20.47 3.82
CA GLU B 139 1.27 21.72 3.15
C GLU B 139 0.45 21.38 1.88
N ASP B 140 -0.42 22.26 1.51
CA ASP B 140 -1.09 22.26 0.22
C ASP B 140 -0.09 22.37 -0.92
N ALA B 141 -0.21 21.53 -1.92
CA ALA B 141 0.77 21.49 -2.99
C ALA B 141 0.84 22.72 -3.88
N SER B 142 -0.29 23.34 -4.16
CA SER B 142 -0.31 24.56 -4.97
C SER B 142 0.49 25.64 -4.28
N LYS B 143 0.33 25.70 -2.96
CA LYS B 143 1.08 26.66 -2.15
C LYS B 143 2.60 26.34 -2.10
N PHE B 144 2.95 25.07 -1.87
CA PHE B 144 4.35 24.64 -1.95
C PHE B 144 4.92 25.02 -3.31
N LEU B 145 4.21 24.71 -4.39
CA LEU B 145 4.76 24.86 -5.74
C LEU B 145 4.94 26.33 -6.14
N GLU B 146 4.06 27.22 -5.74
CA GLU B 146 4.28 28.62 -6.12
C GLU B 146 5.50 29.15 -5.41
N ASN B 147 5.92 28.49 -4.33
CA ASN B 147 7.13 28.90 -3.62
C ASN B 147 8.47 28.41 -4.17
N VAL B 148 8.43 27.61 -5.27
CA VAL B 148 9.62 27.05 -5.94
C VAL B 148 9.73 27.31 -7.43
N THR B 149 10.93 27.56 -7.88
CA THR B 149 11.10 27.70 -9.27
C THR B 149 12.42 27.09 -9.60
N ASN B 150 12.41 26.45 -10.75
CA ASN B 150 13.61 25.97 -11.33
C ASN B 150 14.44 25.05 -10.43
N THR B 151 13.79 24.11 -9.78
CA THR B 151 14.41 23.27 -8.77
C THR B 151 14.47 21.77 -9.05
N TYR B 152 13.32 21.20 -9.43
CA TYR B 152 13.19 19.73 -9.51
C TYR B 152 13.54 19.13 -10.85
N ASP B 153 14.34 18.05 -10.79
CA ASP B 153 14.58 17.24 -11.98
C ASP B 153 13.33 16.41 -12.41
N VAL B 154 12.61 15.93 -11.41
CA VAL B 154 11.39 15.11 -11.56
C VAL B 154 10.34 15.48 -10.49
N ILE B 155 9.10 15.74 -10.93
CA ILE B 155 7.99 15.88 -10.04
C ILE B 155 6.97 14.75 -10.29
N ILE B 156 6.50 14.07 -9.23
CA ILE B 156 5.69 12.91 -9.39
C ILE B 156 4.44 13.34 -8.64
N VAL B 157 3.33 13.47 -9.36
CA VAL B 157 2.06 13.79 -8.75
C VAL B 157 1.21 12.53 -8.40
N ASP B 158 1.28 12.14 -7.15
CA ASP B 158 0.52 10.99 -6.62
C ASP B 158 -0.73 11.45 -5.95
N SER B 159 -1.70 11.83 -6.76
CA SER B 159 -3.00 12.34 -6.28
C SER B 159 -4.21 11.38 -6.35
N ASN B 173 -3.10 26.06 -14.66
CA ASN B 173 -2.69 26.71 -13.40
C ASN B 173 -1.76 25.85 -12.48
N PHE B 174 -2.28 24.71 -12.00
CA PHE B 174 -1.45 23.76 -11.28
C PHE B 174 -0.29 23.32 -12.19
N TYR B 175 -0.60 23.06 -13.44
CA TYR B 175 0.41 22.68 -14.39
C TYR B 175 1.45 23.76 -14.72
N GLU B 176 1.04 25.03 -14.72
CA GLU B 176 2.02 26.12 -14.90
C GLU B 176 2.95 26.16 -13.73
N LYS B 177 2.40 25.98 -12.54
CA LYS B 177 3.23 25.87 -11.30
C LYS B 177 4.26 24.73 -11.39
N ILE B 178 3.78 23.59 -11.87
CA ILE B 178 4.67 22.43 -12.07
C ILE B 178 5.77 22.79 -13.05
N TYR B 179 5.35 23.35 -14.21
CA TYR B 179 6.27 23.68 -15.23
C TYR B 179 7.34 24.59 -14.64
N ASN B 180 6.93 25.60 -13.93
CA ASN B 180 7.94 26.55 -13.40
C ASN B 180 8.80 25.94 -12.33
N ALA B 181 8.29 24.94 -11.64
CA ALA B 181 9.06 24.33 -10.53
C ALA B 181 10.13 23.39 -11.04
N LEU B 182 9.97 22.94 -12.29
CA LEU B 182 10.96 22.04 -12.86
C LEU B 182 12.18 22.79 -13.41
N LYS B 183 13.31 22.06 -13.42
CA LYS B 183 14.46 22.52 -14.11
C LYS B 183 14.16 22.59 -15.67
N PRO B 184 15.02 23.22 -16.45
CA PRO B 184 14.69 23.38 -17.87
C PRO B 184 14.48 22.06 -18.64
N ASN B 185 15.12 20.99 -18.18
CA ASN B 185 15.03 19.66 -18.77
C ASN B 185 14.29 18.68 -17.82
N GLY B 186 13.42 19.20 -16.97
CA GLY B 186 12.78 18.38 -15.98
C GLY B 186 11.55 17.67 -16.56
N TYR B 187 11.07 16.71 -15.81
CA TYR B 187 9.85 15.91 -16.15
C TYR B 187 8.86 15.86 -15.02
N CYS B 188 7.59 15.80 -15.40
CA CYS B 188 6.52 15.55 -14.46
C CYS B 188 5.71 14.35 -14.93
N VAL B 189 5.39 13.43 -14.01
CA VAL B 189 4.37 12.40 -14.25
C VAL B 189 3.32 12.53 -13.18
N ALA B 190 2.09 12.27 -13.59
CA ALA B 190 0.93 12.53 -12.81
C ALA B 190 -0.11 11.42 -12.99
N GLN B 191 -0.73 11.03 -11.88
CA GLN B 191 -1.79 10.07 -11.90
C GLN B 191 -2.89 10.59 -12.80
N CYS B 192 -3.43 9.80 -13.73
CA CYS B 192 -4.36 10.39 -14.73
C CYS B 192 -5.43 9.43 -15.34
N GLU B 193 -6.37 9.01 -14.51
CA GLU B 193 -7.66 8.39 -14.89
C GLU B 193 -7.51 6.98 -15.48
N SER B 194 -8.63 6.28 -15.62
CA SER B 194 -8.65 5.03 -16.37
C SER B 194 -9.17 5.27 -17.80
N LEU B 195 -8.50 4.71 -18.78
CA LEU B 195 -8.89 4.80 -20.16
C LEU B 195 -10.23 4.14 -20.39
N TRP B 196 -10.70 3.33 -19.44
CA TRP B 196 -11.95 2.62 -19.61
C TRP B 196 -13.16 3.42 -19.12
N ILE B 197 -12.92 4.54 -18.40
CA ILE B 197 -14.05 5.31 -17.93
C ILE B 197 -13.99 6.80 -18.08
N HIS B 198 -12.83 7.42 -18.11
CA HIS B 198 -12.81 8.91 -18.39
C HIS B 198 -11.89 9.40 -19.47
N VAL B 199 -12.18 9.05 -20.70
CA VAL B 199 -11.38 9.50 -21.82
C VAL B 199 -11.44 11.04 -22.00
N GLY B 200 -12.59 11.63 -21.67
CA GLY B 200 -12.84 13.09 -21.84
C GLY B 200 -11.82 13.84 -20.99
N THR B 201 -11.75 13.47 -19.74
CA THR B 201 -10.79 13.98 -18.83
C THR B 201 -9.37 13.75 -19.27
N ILE B 202 -9.00 12.56 -19.76
CA ILE B 202 -7.61 12.32 -20.23
C ILE B 202 -7.29 13.26 -21.38
N LYS B 203 -8.24 13.46 -22.31
CA LYS B 203 -8.00 14.34 -23.43
C LYS B 203 -7.90 15.78 -22.93
N ASN B 204 -8.75 16.15 -21.98
CA ASN B 204 -8.62 17.50 -21.42
C ASN B 204 -7.22 17.76 -20.79
N MET B 205 -6.73 16.77 -20.03
CA MET B 205 -5.50 16.94 -19.26
C MET B 205 -4.31 17.02 -20.20
N ILE B 206 -4.31 16.20 -21.22
CA ILE B 206 -3.32 16.25 -22.25
C ILE B 206 -3.34 17.61 -22.98
N GLY B 207 -4.54 18.14 -23.22
CA GLY B 207 -4.75 19.45 -23.86
C GLY B 207 -4.06 20.53 -23.07
N TYR B 208 -4.40 20.62 -21.78
CA TYR B 208 -3.77 21.58 -20.87
C TYR B 208 -2.26 21.42 -20.88
N ALA B 209 -1.74 20.21 -20.63
CA ALA B 209 -0.30 20.05 -20.52
C ALA B 209 0.42 20.45 -21.79
N LYS B 210 -0.19 20.19 -22.95
CA LYS B 210 0.46 20.50 -24.23
C LYS B 210 0.56 22.00 -24.51
N LYS B 211 -0.19 22.82 -23.79
CA LYS B 211 0.01 24.26 -23.88
C LYS B 211 1.30 24.68 -23.24
N LEU B 212 1.88 23.82 -22.41
CA LEU B 212 3.07 24.15 -21.66
C LEU B 212 4.28 23.33 -21.98
N PHE B 213 4.12 22.01 -22.07
CA PHE B 213 5.20 21.14 -22.24
C PHE B 213 5.35 20.77 -23.70
N LYS B 214 6.58 20.52 -24.10
CA LYS B 214 6.90 20.20 -25.50
C LYS B 214 6.47 18.79 -25.87
N LYS B 215 6.47 17.86 -24.91
CA LYS B 215 6.05 16.48 -25.18
C LYS B 215 5.13 15.98 -24.07
N VAL B 216 3.98 15.42 -24.43
CA VAL B 216 3.01 14.95 -23.45
C VAL B 216 2.53 13.60 -23.97
N GLU B 217 2.69 12.56 -23.16
CA GLU B 217 2.50 11.15 -23.53
C GLU B 217 1.69 10.54 -22.38
N TYR B 218 1.11 9.38 -22.60
CA TYR B 218 0.15 8.82 -21.67
C TYR B 218 0.51 7.36 -21.62
N ALA B 219 0.58 6.78 -20.42
CA ALA B 219 0.90 5.35 -20.23
C ALA B 219 -0.13 4.72 -19.35
N ASN B 220 -0.23 3.41 -19.44
CA ASN B 220 -1.24 2.66 -18.65
C ASN B 220 -0.61 1.59 -17.77
N ILE B 221 -1.17 1.45 -16.58
CA ILE B 221 -0.64 0.49 -15.56
C ILE B 221 -1.74 -0.47 -15.19
N SER B 222 -1.44 -1.76 -15.21
CA SER B 222 -2.37 -2.82 -14.75
C SER B 222 -2.31 -2.89 -13.24
N ILE B 223 -3.44 -2.68 -12.60
CA ILE B 223 -3.52 -2.75 -11.14
C ILE B 223 -4.95 -2.98 -10.68
N PRO B 224 -5.20 -4.13 -10.04
CA PRO B 224 -6.57 -4.55 -9.99
C PRO B 224 -7.50 -3.79 -9.04
N THR B 225 -6.95 -3.10 -8.02
CA THR B 225 -7.81 -2.44 -7.03
C THR B 225 -8.06 -0.97 -7.33
N TYR B 226 -7.53 -0.40 -8.42
CA TYR B 226 -8.00 0.86 -9.00
C TYR B 226 -9.27 0.54 -9.84
N PRO B 227 -10.24 1.45 -9.93
CA PRO B 227 -11.46 1.20 -10.73
C PRO B 227 -11.10 0.81 -12.18
N CYS B 228 -11.73 -0.25 -12.68
CA CYS B 228 -11.52 -0.78 -14.01
C CYS B 228 -10.21 -1.57 -14.13
N GLY B 229 -9.52 -1.74 -13.00
CA GLY B 229 -8.23 -2.50 -13.05
C GLY B 229 -7.01 -1.90 -13.71
N CYS B 230 -7.03 -0.57 -13.92
CA CYS B 230 -5.88 0.13 -14.50
C CYS B 230 -5.93 1.59 -14.22
N ILE B 231 -4.78 2.24 -14.19
CA ILE B 231 -4.68 3.70 -13.99
C ILE B 231 -3.55 4.18 -14.83
N GLY B 232 -3.72 5.35 -15.42
CA GLY B 232 -2.78 5.90 -16.37
C GLY B 232 -1.85 6.94 -15.78
N ILE B 233 -0.83 7.24 -16.54
CA ILE B 233 0.15 8.22 -16.13
C ILE B 233 0.27 9.27 -17.21
N LEU B 234 0.16 10.54 -16.82
CA LEU B 234 0.27 11.66 -17.77
C LEU B 234 1.69 12.08 -17.69
N CYS B 235 2.41 12.05 -18.79
CA CYS B 235 3.86 12.14 -18.76
C CYS B 235 4.31 13.40 -19.51
N CYS B 236 4.87 14.38 -18.77
CA CYS B 236 5.18 15.71 -19.32
C CYS B 236 6.66 15.96 -19.39
N SER B 237 7.15 16.27 -20.60
CA SER B 237 8.57 16.53 -20.79
C SER B 237 8.81 17.93 -21.40
N LYS B 238 9.77 18.66 -20.90
CA LYS B 238 10.18 19.94 -21.53
C LYS B 238 11.10 19.71 -22.74
N THR B 239 11.69 18.52 -22.84
CA THR B 239 12.52 18.19 -23.97
C THR B 239 11.65 17.53 -25.05
N ASP B 240 12.11 17.52 -26.29
CA ASP B 240 11.42 16.79 -27.40
C ASP B 240 11.47 15.25 -27.34
N THR B 241 12.42 14.72 -26.59
CA THR B 241 12.64 13.29 -26.57
C THR B 241 11.55 12.46 -25.78
N GLY B 242 10.92 13.08 -24.78
CA GLY B 242 9.85 12.45 -24.01
C GLY B 242 10.27 11.36 -23.05
N LEU B 243 9.29 10.59 -22.65
CA LEU B 243 9.46 9.62 -21.55
C LEU B 243 9.29 8.17 -21.94
N THR B 244 9.12 7.85 -23.23
CA THR B 244 8.77 6.47 -23.61
C THR B 244 9.95 5.50 -23.64
N LYS B 245 11.16 6.01 -23.54
CA LYS B 245 12.37 5.21 -23.76
C LYS B 245 13.35 5.43 -22.67
N PRO B 246 13.66 4.39 -21.92
CA PRO B 246 14.61 4.66 -20.82
C PRO B 246 16.04 4.87 -21.30
N ASN B 247 16.81 5.63 -20.55
CA ASN B 247 18.21 5.91 -20.81
C ASN B 247 19.11 5.08 -19.96
N LYS B 248 18.57 4.23 -19.12
CA LYS B 248 19.41 3.37 -18.28
C LYS B 248 18.65 2.17 -17.85
N LYS B 249 19.37 1.13 -17.50
CA LYS B 249 18.82 -0.10 -17.01
C LYS B 249 19.00 -0.16 -15.52
N LEU B 250 18.01 -0.65 -14.81
CA LEU B 250 18.09 -0.71 -13.37
C LEU B 250 18.75 -2.01 -12.91
N GLU B 251 20.08 -2.00 -12.92
CA GLU B 251 20.90 -3.22 -12.71
C GLU B 251 21.51 -3.35 -11.34
N SER B 252 21.57 -2.27 -10.60
CA SER B 252 22.16 -2.30 -9.27
C SER B 252 21.32 -3.02 -8.22
N LYS B 253 21.97 -3.32 -7.11
CA LYS B 253 21.43 -4.10 -6.02
C LYS B 253 20.03 -3.62 -5.57
N GLU B 254 19.84 -2.33 -5.49
CA GLU B 254 18.61 -1.74 -4.93
C GLU B 254 17.34 -2.03 -5.72
N PHE B 255 17.55 -2.42 -6.99
CA PHE B 255 16.50 -2.74 -7.92
C PHE B 255 16.26 -4.21 -8.19
N ALA B 256 16.94 -5.11 -7.50
CA ALA B 256 16.85 -6.52 -7.84
C ALA B 256 15.43 -7.14 -7.58
N ASP B 257 14.83 -6.69 -6.52
CA ASP B 257 13.49 -7.01 -6.08
C ASP B 257 12.29 -6.40 -6.84
N LEU B 258 12.47 -5.56 -7.84
CA LEU B 258 11.24 -4.94 -8.44
C LEU B 258 10.28 -6.03 -8.92
N LYS B 259 8.98 -5.77 -8.72
CA LYS B 259 7.94 -6.73 -9.02
C LYS B 259 7.13 -6.42 -10.21
N TYR B 260 7.29 -5.24 -10.78
CA TYR B 260 6.54 -4.90 -12.01
C TYR B 260 7.37 -4.31 -13.09
N TYR B 261 8.02 -3.21 -12.78
CA TYR B 261 8.77 -2.47 -13.74
C TYR B 261 9.97 -3.22 -14.30
N ASN B 262 10.17 -3.14 -15.61
CA ASN B 262 11.42 -3.51 -16.20
C ASN B 262 11.66 -2.73 -17.47
N TYR B 263 12.86 -2.89 -18.02
CA TYR B 263 13.25 -2.14 -19.18
C TYR B 263 12.23 -2.28 -20.38
N GLU B 264 11.81 -3.47 -20.70
CA GLU B 264 10.88 -3.67 -21.83
C GLU B 264 9.45 -3.14 -21.58
N ASN B 265 8.95 -3.33 -20.38
CA ASN B 265 7.61 -2.92 -20.15
C ASN B 265 7.45 -1.47 -19.88
N HIS B 266 8.58 -0.78 -19.72
CA HIS B 266 8.56 0.69 -19.72
C HIS B 266 7.90 1.27 -21.01
N SER B 267 8.47 0.99 -22.18
N SER B 267 8.51 0.94 -22.15
CA SER B 267 7.92 1.47 -23.44
CA SER B 267 8.05 1.41 -23.44
C SER B 267 6.59 0.81 -23.76
C SER B 267 6.72 0.77 -23.83
N ALA B 268 6.45 -0.44 -23.36
CA ALA B 268 5.17 -1.10 -23.63
C ALA B 268 3.93 -0.46 -23.00
N ALA B 269 4.13 0.23 -21.88
CA ALA B 269 3.02 0.86 -21.19
C ALA B 269 2.43 2.03 -21.98
N PHE B 270 3.20 2.58 -22.91
CA PHE B 270 2.75 3.64 -23.76
C PHE B 270 2.10 3.19 -25.05
N LYS B 271 1.96 1.87 -25.22
CA LYS B 271 1.29 1.36 -26.43
C LYS B 271 -0.14 1.09 -26.05
N LEU B 272 -1.02 2.00 -26.46
CA LEU B 272 -2.35 2.12 -25.92
C LEU B 272 -3.40 1.56 -26.90
N PRO B 273 -4.54 1.06 -26.41
CA PRO B 273 -5.64 0.61 -27.26
C PRO B 273 -5.97 1.59 -28.38
N ALA B 274 -6.27 1.06 -29.58
CA ALA B 274 -6.55 1.92 -30.74
C ALA B 274 -7.56 3.01 -30.50
N PHE B 275 -8.61 2.73 -29.76
CA PHE B 275 -9.69 3.71 -29.54
C PHE B 275 -9.21 4.96 -28.81
N LEU B 276 -8.28 4.77 -27.84
CA LEU B 276 -7.72 5.87 -27.08
C LEU B 276 -6.82 6.67 -27.97
N LEU B 277 -5.98 5.99 -28.72
CA LEU B 277 -5.07 6.62 -29.67
C LEU B 277 -5.82 7.54 -30.61
N LYS B 278 -6.95 7.07 -31.11
CA LYS B 278 -7.71 7.86 -32.04
C LYS B 278 -8.23 9.14 -31.34
N GLU B 279 -8.75 9.00 -30.12
CA GLU B 279 -9.21 10.13 -29.33
C GLU B 279 -8.16 11.16 -28.98
N ILE B 280 -6.90 10.73 -28.79
CA ILE B 280 -5.87 11.69 -28.40
C ILE B 280 -5.03 12.23 -29.53
N GLU B 281 -4.76 11.47 -30.58
CA GLU B 281 -4.18 12.08 -31.81
C GLU B 281 -5.07 13.20 -32.36
N ASN B 282 -6.38 12.97 -32.27
CA ASN B 282 -7.37 13.84 -32.92
C ASN B 282 -8.72 13.80 -32.24
N LYS C 3 -33.12 -0.43 -8.20
CA LYS C 3 -32.33 -1.33 -9.12
C LYS C 3 -31.38 -2.25 -8.33
N LYS C 4 -31.47 -3.54 -8.63
CA LYS C 4 -30.59 -4.53 -8.07
C LYS C 4 -29.16 -4.36 -8.70
N TRP C 5 -28.21 -5.06 -8.12
CA TRP C 5 -26.87 -5.10 -8.64
C TRP C 5 -26.58 -6.54 -8.92
N PHE C 6 -25.84 -6.80 -9.99
CA PHE C 6 -25.27 -8.12 -10.19
C PHE C 6 -23.84 -8.11 -9.58
N SER C 7 -23.50 -9.09 -8.73
CA SER C 7 -22.20 -9.25 -8.07
C SER C 7 -21.56 -10.54 -8.47
N GLU C 8 -20.30 -10.51 -8.88
CA GLU C 8 -19.64 -11.77 -9.39
C GLU C 8 -18.73 -12.40 -8.34
N PHE C 9 -19.26 -13.33 -7.58
CA PHE C 9 -18.50 -14.01 -6.54
C PHE C 9 -18.05 -15.33 -7.09
N SER C 10 -16.84 -15.78 -6.77
CA SER C 10 -16.43 -17.13 -7.21
C SER C 10 -15.30 -17.58 -6.34
N ILE C 11 -15.22 -18.88 -6.13
CA ILE C 11 -14.07 -19.44 -5.48
C ILE C 11 -12.81 -19.28 -6.30
N MET C 12 -12.95 -19.02 -7.61
CA MET C 12 -11.80 -18.75 -8.41
C MET C 12 -11.17 -17.38 -8.14
N TRP C 13 -11.89 -16.50 -7.44
CA TRP C 13 -11.27 -15.23 -7.07
C TRP C 13 -11.73 -14.88 -5.64
N PRO C 14 -11.27 -15.66 -4.68
CA PRO C 14 -11.82 -15.59 -3.32
C PRO C 14 -11.52 -14.24 -2.76
N GLY C 15 -12.47 -13.71 -2.04
CA GLY C 15 -12.24 -12.44 -1.32
C GLY C 15 -12.39 -11.16 -2.09
N GLN C 16 -12.78 -11.25 -3.39
CA GLN C 16 -13.02 -10.09 -4.19
C GLN C 16 -14.31 -10.22 -5.02
N ALA C 17 -14.87 -9.11 -5.50
CA ALA C 17 -16.02 -9.15 -6.39
C ALA C 17 -16.21 -7.86 -7.08
N PHE C 18 -16.54 -7.97 -8.37
CA PHE C 18 -16.92 -6.85 -9.17
C PHE C 18 -18.45 -6.88 -9.31
N SER C 19 -19.07 -5.74 -9.24
CA SER C 19 -20.54 -5.68 -9.33
C SER C 19 -20.92 -4.70 -10.40
N LEU C 20 -22.03 -5.00 -11.07
CA LEU C 20 -22.58 -4.16 -12.09
C LEU C 20 -24.04 -3.85 -11.80
N LYS C 21 -24.40 -2.58 -11.93
CA LYS C 21 -25.81 -2.21 -11.70
C LYS C 21 -26.68 -2.61 -12.92
N ILE C 22 -27.81 -3.22 -12.60
CA ILE C 22 -28.71 -3.84 -13.56
C ILE C 22 -29.81 -2.87 -13.97
N LYS C 23 -29.90 -2.58 -15.26
CA LYS C 23 -31.01 -1.83 -15.74
C LYS C 23 -32.26 -2.75 -15.91
N LYS C 24 -32.10 -3.89 -16.55
CA LYS C 24 -33.12 -4.87 -16.57
C LYS C 24 -32.59 -6.23 -16.91
N ILE C 25 -33.24 -7.25 -16.34
CA ILE C 25 -33.02 -8.66 -16.63
C ILE C 25 -33.73 -8.97 -17.97
N LEU C 26 -32.98 -9.52 -18.93
CA LEU C 26 -33.49 -9.82 -20.25
C LEU C 26 -33.85 -11.29 -20.37
N TYR C 27 -33.12 -12.19 -19.75
CA TYR C 27 -33.34 -13.61 -19.99
C TYR C 27 -32.56 -14.43 -18.98
N GLU C 28 -33.17 -15.51 -18.51
CA GLU C 28 -32.61 -16.34 -17.49
C GLU C 28 -33.08 -17.79 -17.69
N THR C 29 -32.17 -18.74 -17.71
CA THR C 29 -32.58 -20.12 -17.92
C THR C 29 -31.49 -21.06 -17.52
N LYS C 30 -31.86 -22.29 -17.19
CA LYS C 30 -30.89 -23.33 -16.99
C LYS C 30 -30.80 -24.14 -18.29
N SER C 31 -29.64 -24.24 -18.93
CA SER C 31 -29.52 -25.07 -20.16
C SER C 31 -29.20 -26.50 -19.75
N LYS C 32 -28.94 -27.38 -20.69
CA LYS C 32 -28.48 -28.73 -20.28
C LYS C 32 -27.12 -28.67 -19.51
N TYR C 33 -26.34 -27.60 -19.71
CA TYR C 33 -24.95 -27.53 -19.18
C TYR C 33 -24.70 -26.53 -18.08
N GLN C 34 -25.49 -25.46 -18.00
CA GLN C 34 -25.12 -24.33 -17.12
C GLN C 34 -26.25 -23.34 -16.92
N ASN C 35 -26.11 -22.46 -15.93
CA ASN C 35 -27.06 -21.36 -15.79
C ASN C 35 -26.67 -20.23 -16.70
N VAL C 36 -27.69 -19.66 -17.36
CA VAL C 36 -27.53 -18.63 -18.40
C VAL C 36 -28.31 -17.43 -17.96
N LEU C 37 -27.63 -16.29 -17.87
CA LEU C 37 -28.28 -15.05 -17.51
C LEU C 37 -27.82 -13.96 -18.50
N VAL C 38 -28.78 -13.17 -18.98
CA VAL C 38 -28.49 -11.99 -19.79
C VAL C 38 -29.22 -10.83 -19.17
N PHE C 39 -28.50 -9.72 -18.99
CA PHE C 39 -29.14 -8.51 -18.46
C PHE C 39 -28.52 -7.28 -19.09
N GLU C 40 -29.28 -6.20 -19.09
CA GLU C 40 -28.73 -4.91 -19.50
C GLU C 40 -28.20 -4.17 -18.25
N SER C 41 -26.89 -3.86 -18.25
CA SER C 41 -26.26 -3.13 -17.15
C SER C 41 -26.53 -1.63 -17.40
N THR C 42 -26.29 -0.76 -16.44
CA THR C 42 -26.55 0.66 -16.67
C THR C 42 -25.47 1.31 -17.46
N THR C 43 -24.21 0.86 -17.33
CA THR C 43 -23.13 1.52 -18.06
C THR C 43 -22.17 0.67 -18.94
N TYR C 44 -22.34 -0.66 -18.99
CA TYR C 44 -21.54 -1.51 -19.89
C TYR C 44 -22.34 -2.19 -21.03
N GLY C 45 -23.64 -1.81 -21.11
CA GLY C 45 -24.57 -2.47 -21.98
C GLY C 45 -25.00 -3.83 -21.54
N LYS C 46 -25.40 -4.62 -22.53
CA LYS C 46 -25.80 -5.98 -22.23
C LYS C 46 -24.59 -6.85 -21.83
N VAL C 47 -24.88 -7.78 -20.90
CA VAL C 47 -23.94 -8.61 -20.19
C VAL C 47 -24.43 -10.09 -20.25
N LEU C 48 -23.52 -11.00 -20.60
CA LEU C 48 -23.80 -12.42 -20.64
C LEU C 48 -23.09 -13.07 -19.47
N VAL C 49 -23.85 -13.82 -18.67
CA VAL C 49 -23.36 -14.49 -17.47
C VAL C 49 -23.61 -15.99 -17.55
N LEU C 50 -22.53 -16.79 -17.42
CA LEU C 50 -22.67 -18.22 -17.34
C LEU C 50 -22.17 -18.76 -16.00
N ASP C 51 -23.02 -19.56 -15.33
CA ASP C 51 -22.80 -19.98 -13.97
C ASP C 51 -22.29 -18.88 -13.04
N GLY C 52 -22.89 -17.70 -13.10
CA GLY C 52 -22.55 -16.63 -12.20
C GLY C 52 -21.27 -15.86 -12.61
N VAL C 53 -20.65 -16.20 -13.75
CA VAL C 53 -19.42 -15.56 -14.18
C VAL C 53 -19.69 -14.74 -15.42
N ILE C 54 -19.22 -13.49 -15.40
CA ILE C 54 -19.36 -12.62 -16.56
C ILE C 54 -18.56 -13.18 -17.72
N GLN C 55 -19.21 -13.41 -18.89
CA GLN C 55 -18.56 -13.91 -20.03
C GLN C 55 -18.24 -12.81 -21.00
N LEU C 56 -19.07 -11.79 -21.08
CA LEU C 56 -18.74 -10.64 -21.90
C LEU C 56 -19.70 -9.47 -21.54
N THR C 57 -19.33 -8.25 -21.97
CA THR C 57 -20.23 -7.12 -21.94
C THR C 57 -20.07 -6.39 -23.24
N GLU C 58 -21.07 -5.64 -23.66
CA GLU C 58 -20.98 -4.97 -24.95
C GLU C 58 -19.91 -3.90 -24.97
N LYS C 59 -19.66 -3.23 -23.84
CA LYS C 59 -18.74 -2.05 -23.84
C LYS C 59 -17.27 -2.46 -24.18
N ASP C 60 -16.82 -3.58 -23.62
CA ASP C 60 -15.39 -3.89 -23.66
C ASP C 60 -15.05 -5.22 -24.35
N GLU C 61 -16.05 -5.93 -24.92
CA GLU C 61 -15.75 -7.24 -25.55
C GLU C 61 -14.76 -7.16 -26.69
N PHE C 62 -14.72 -6.02 -27.39
CA PHE C 62 -13.77 -5.88 -28.44
C PHE C 62 -12.29 -6.13 -28.04
N ALA C 63 -11.90 -5.72 -26.83
CA ALA C 63 -10.55 -5.90 -26.37
C ALA C 63 -10.17 -7.37 -26.41
N TYR C 64 -10.99 -8.22 -25.79
CA TYR C 64 -10.71 -9.64 -25.71
C TYR C 64 -10.79 -10.30 -27.10
N HIS C 65 -11.89 -10.05 -27.82
CA HIS C 65 -12.05 -10.76 -29.08
C HIS C 65 -11.02 -10.36 -30.11
N GLU C 66 -10.62 -9.08 -30.10
CA GLU C 66 -9.66 -8.59 -31.05
C GLU C 66 -8.28 -9.20 -30.74
N MET C 67 -7.88 -9.19 -29.47
CA MET C 67 -6.53 -9.67 -29.19
C MET C 67 -6.40 -11.17 -29.36
N MET C 68 -7.43 -11.93 -28.95
CA MET C 68 -7.48 -13.39 -29.11
C MET C 68 -7.39 -13.76 -30.59
N THR C 69 -7.99 -12.97 -31.47
CA THR C 69 -8.06 -13.30 -32.91
C THR C 69 -6.86 -12.80 -33.67
N HIS C 70 -6.56 -11.52 -33.52
CA HIS C 70 -5.58 -10.90 -34.38
C HIS C 70 -4.10 -11.13 -34.03
N VAL C 71 -3.82 -11.56 -32.81
CA VAL C 71 -2.48 -12.08 -32.50
C VAL C 71 -2.07 -13.26 -33.41
N PRO C 72 -2.81 -14.40 -33.37
CA PRO C 72 -2.40 -15.47 -34.22
C PRO C 72 -2.63 -15.23 -35.73
N MET C 73 -3.71 -14.57 -36.08
CA MET C 73 -4.11 -14.39 -37.47
C MET C 73 -3.16 -13.43 -38.18
N THR C 74 -2.36 -12.60 -37.48
CA THR C 74 -1.40 -11.75 -38.16
C THR C 74 -0.04 -12.42 -38.17
N VAL C 75 0.14 -13.51 -37.45
CA VAL C 75 1.39 -14.21 -37.46
C VAL C 75 1.34 -15.40 -38.42
N SER C 76 0.27 -16.17 -38.41
CA SER C 76 0.08 -17.16 -39.48
C SER C 76 0.12 -16.47 -40.89
N LYS C 77 0.92 -17.00 -41.83
CA LYS C 77 1.13 -16.27 -43.10
C LYS C 77 -0.14 -16.14 -43.93
N GLU C 78 -0.82 -17.25 -44.18
CA GLU C 78 -1.97 -17.26 -45.10
C GLU C 78 -2.97 -18.28 -44.55
N PRO C 79 -3.52 -18.00 -43.37
CA PRO C 79 -4.39 -18.96 -42.67
C PRO C 79 -5.69 -19.16 -43.47
N LYS C 80 -6.00 -20.39 -43.79
CA LYS C 80 -7.20 -20.69 -44.55
C LYS C 80 -8.27 -21.42 -43.75
N ASN C 81 -7.87 -22.27 -42.81
CA ASN C 81 -8.89 -23.06 -42.07
C ASN C 81 -8.67 -22.86 -40.58
N VAL C 82 -9.67 -22.36 -39.91
CA VAL C 82 -9.49 -21.93 -38.51
C VAL C 82 -10.55 -22.57 -37.66
N LEU C 83 -10.18 -23.02 -36.49
CA LEU C 83 -11.13 -23.59 -35.54
C LEU C 83 -11.23 -22.72 -34.33
N VAL C 84 -12.47 -22.50 -33.86
CA VAL C 84 -12.72 -21.84 -32.60
C VAL C 84 -13.32 -22.86 -31.64
N VAL C 85 -12.72 -23.02 -30.46
CA VAL C 85 -13.24 -23.93 -29.45
C VAL C 85 -13.92 -23.07 -28.45
N GLY C 86 -15.16 -23.42 -28.10
CA GLY C 86 -15.95 -22.54 -27.19
C GLY C 86 -16.43 -21.34 -28.00
N GLY C 87 -16.46 -20.13 -27.44
CA GLY C 87 -16.69 -18.96 -28.29
C GLY C 87 -18.15 -18.88 -28.81
N GLY C 88 -19.08 -19.50 -28.10
CA GLY C 88 -20.46 -19.55 -28.58
C GLY C 88 -21.09 -18.22 -28.90
N ASP C 89 -20.66 -17.12 -28.26
CA ASP C 89 -21.20 -15.81 -28.56
C ASP C 89 -20.93 -15.35 -29.93
N GLY C 90 -19.85 -15.85 -30.55
CA GLY C 90 -19.43 -15.48 -31.90
C GLY C 90 -18.42 -14.39 -32.10
N GLY C 91 -17.93 -13.76 -31.02
CA GLY C 91 -17.01 -12.65 -31.17
C GLY C 91 -15.75 -12.96 -31.96
N ILE C 92 -15.13 -14.10 -31.65
CA ILE C 92 -13.95 -14.58 -32.41
C ILE C 92 -14.27 -14.74 -33.88
N ILE C 93 -15.41 -15.36 -34.09
CA ILE C 93 -15.90 -15.53 -35.47
C ILE C 93 -16.05 -14.25 -36.22
N ARG C 94 -16.66 -13.24 -35.58
CA ARG C 94 -16.72 -11.90 -36.18
C ARG C 94 -15.40 -11.39 -36.64
N GLU C 95 -14.39 -11.50 -35.76
CA GLU C 95 -13.10 -10.98 -36.06
C GLU C 95 -12.45 -11.80 -37.18
N LEU C 96 -12.57 -13.13 -37.13
CA LEU C 96 -12.06 -13.99 -38.17
C LEU C 96 -12.62 -13.67 -39.58
N CYS C 97 -13.92 -13.29 -39.66
CA CYS C 97 -14.63 -13.08 -40.94
C CYS C 97 -14.05 -11.88 -41.70
N LYS C 98 -13.33 -11.00 -40.98
CA LYS C 98 -12.70 -9.86 -41.54
C LYS C 98 -11.53 -10.20 -42.50
N TYR C 99 -10.99 -11.42 -42.39
CA TYR C 99 -9.91 -11.92 -43.21
C TYR C 99 -10.57 -12.58 -44.42
N LYS C 100 -10.59 -11.87 -45.54
CA LYS C 100 -11.14 -12.46 -46.77
C LYS C 100 -10.41 -13.68 -47.23
N SER C 101 -9.13 -13.83 -46.90
CA SER C 101 -8.37 -15.03 -47.28
C SER C 101 -8.75 -16.31 -46.54
N VAL C 102 -9.44 -16.20 -45.41
CA VAL C 102 -9.90 -17.37 -44.73
C VAL C 102 -10.93 -18.06 -45.65
N GLU C 103 -10.85 -19.39 -45.71
CA GLU C 103 -11.80 -20.20 -46.53
C GLU C 103 -12.81 -20.93 -45.70
N ASN C 104 -12.45 -21.26 -44.46
CA ASN C 104 -13.35 -22.06 -43.65
C ASN C 104 -13.14 -21.75 -42.16
N ILE C 105 -14.24 -21.63 -41.44
CA ILE C 105 -14.22 -21.47 -40.01
C ILE C 105 -15.13 -22.46 -39.40
N ASP C 106 -14.58 -23.28 -38.53
CA ASP C 106 -15.37 -24.24 -37.79
C ASP C 106 -15.43 -23.74 -36.36
N ILE C 107 -16.54 -23.96 -35.69
CA ILE C 107 -16.69 -23.71 -34.30
C ILE C 107 -17.32 -24.88 -33.58
N CYS C 108 -16.73 -25.23 -32.45
CA CYS C 108 -17.18 -26.28 -31.59
C CYS C 108 -17.53 -25.76 -30.24
N GLU C 109 -18.84 -25.66 -30.00
CA GLU C 109 -19.35 -25.11 -28.77
C GLU C 109 -20.35 -26.08 -28.23
N ILE C 110 -20.27 -26.44 -26.96
CA ILE C 110 -21.11 -27.57 -26.52
C ILE C 110 -22.53 -27.20 -26.16
N ASP C 111 -22.78 -25.94 -25.83
CA ASP C 111 -24.09 -25.52 -25.33
C ASP C 111 -24.75 -24.65 -26.37
N GLU C 112 -25.66 -25.27 -27.12
CA GLU C 112 -26.32 -24.47 -28.20
C GLU C 112 -27.16 -23.26 -27.75
N THR C 113 -27.66 -23.32 -26.52
CA THR C 113 -28.33 -22.16 -25.90
C THR C 113 -27.49 -20.90 -25.82
N VAL C 114 -26.16 -21.08 -25.72
CA VAL C 114 -25.27 -19.95 -25.71
C VAL C 114 -25.31 -19.33 -27.07
N ILE C 115 -25.26 -20.13 -28.11
CA ILE C 115 -25.36 -19.56 -29.47
C ILE C 115 -26.72 -18.83 -29.69
N GLU C 116 -27.82 -19.45 -29.30
CA GLU C 116 -29.15 -18.90 -29.58
C GLU C 116 -29.31 -17.53 -28.88
N VAL C 117 -28.95 -17.50 -27.59
CA VAL C 117 -29.03 -16.29 -26.76
C VAL C 117 -28.17 -15.21 -27.35
N SER C 118 -26.99 -15.54 -27.88
CA SER C 118 -26.15 -14.51 -28.50
C SER C 118 -26.72 -13.97 -29.78
N LYS C 119 -27.45 -14.85 -30.52
CA LYS C 119 -28.19 -14.38 -31.73
C LYS C 119 -29.32 -13.45 -31.40
N ILE C 120 -29.97 -13.69 -30.27
CA ILE C 120 -31.09 -12.92 -29.84
C ILE C 120 -30.65 -11.53 -29.26
N TYR C 121 -29.69 -11.54 -28.33
CA TYR C 121 -29.42 -10.38 -27.51
C TYR C 121 -28.07 -9.76 -27.77
N PHE C 122 -27.23 -10.36 -28.63
CA PHE C 122 -25.93 -9.74 -28.95
C PHE C 122 -25.56 -9.77 -30.43
N LYS C 123 -26.38 -9.11 -31.25
CA LYS C 123 -26.27 -9.25 -32.68
C LYS C 123 -25.01 -8.66 -33.26
N ASN C 124 -24.47 -7.66 -32.57
CA ASN C 124 -23.23 -7.07 -32.98
C ASN C 124 -22.02 -8.00 -32.68
N ILE C 125 -22.23 -9.03 -31.89
CA ILE C 125 -21.19 -10.03 -31.59
C ILE C 125 -21.40 -11.29 -32.42
N SER C 126 -22.68 -11.66 -32.60
CA SER C 126 -23.03 -12.97 -33.23
C SER C 126 -23.25 -12.86 -34.76
N CYS C 127 -22.87 -11.74 -35.36
CA CYS C 127 -23.19 -11.46 -36.74
C CYS C 127 -22.45 -12.33 -37.72
N GLY C 128 -21.28 -12.83 -37.33
CA GLY C 128 -20.54 -13.71 -38.21
C GLY C 128 -21.18 -15.07 -38.43
N TYR C 129 -22.12 -15.48 -37.60
CA TYR C 129 -22.79 -16.77 -37.91
C TYR C 129 -23.45 -16.82 -39.30
N GLU C 130 -23.75 -15.66 -39.87
CA GLU C 130 -24.35 -15.60 -41.21
C GLU C 130 -23.31 -15.86 -42.32
N ASP C 131 -22.03 -15.75 -42.00
CA ASP C 131 -21.02 -15.92 -42.98
C ASP C 131 -21.04 -17.38 -43.51
N LYS C 132 -20.94 -17.54 -44.82
CA LYS C 132 -21.15 -18.87 -45.36
C LYS C 132 -19.90 -19.75 -45.17
N ARG C 133 -18.80 -19.17 -44.73
CA ARG C 133 -17.58 -19.95 -44.37
C ARG C 133 -17.70 -20.66 -43.02
N VAL C 134 -18.75 -20.34 -42.25
CA VAL C 134 -18.86 -20.77 -40.86
C VAL C 134 -19.60 -22.06 -40.73
N ASN C 135 -19.04 -23.02 -39.99
CA ASN C 135 -19.70 -24.29 -39.73
C ASN C 135 -19.70 -24.57 -38.27
N VAL C 136 -20.86 -24.95 -37.74
CA VAL C 136 -21.10 -25.05 -36.33
C VAL C 136 -21.28 -26.46 -35.88
N PHE C 137 -20.60 -26.85 -34.82
CA PHE C 137 -20.65 -28.22 -34.30
C PHE C 137 -21.03 -28.14 -32.89
N ILE C 138 -22.17 -28.69 -32.51
CA ILE C 138 -22.57 -28.65 -31.12
C ILE C 138 -22.02 -29.90 -30.46
N GLU C 139 -20.78 -29.86 -29.95
CA GLU C 139 -20.12 -31.05 -29.41
C GLU C 139 -19.14 -30.62 -28.35
N ASP C 140 -18.70 -31.61 -27.59
CA ASP C 140 -17.57 -31.47 -26.71
C ASP C 140 -16.26 -31.41 -27.56
N ALA C 141 -15.40 -30.39 -27.35
CA ALA C 141 -14.24 -30.24 -28.24
C ALA C 141 -13.22 -31.40 -28.16
N SER C 142 -13.07 -32.06 -27.01
CA SER C 142 -12.19 -33.26 -26.89
C SER C 142 -12.63 -34.36 -27.80
N LYS C 143 -13.95 -34.56 -27.93
CA LYS C 143 -14.48 -35.52 -28.88
C LYS C 143 -14.41 -35.06 -30.34
N PHE C 144 -14.71 -33.78 -30.63
CA PHE C 144 -14.59 -33.21 -31.94
C PHE C 144 -13.16 -33.41 -32.44
N LEU C 145 -12.18 -33.11 -31.63
CA LEU C 145 -10.83 -33.20 -32.13
C LEU C 145 -10.17 -34.61 -32.14
N GLU C 146 -10.67 -35.63 -31.45
CA GLU C 146 -10.18 -37.02 -31.70
C GLU C 146 -10.31 -37.27 -33.19
N ASN C 147 -9.35 -37.88 -33.83
CA ASN C 147 -9.56 -38.04 -35.30
C ASN C 147 -9.46 -36.78 -36.14
N VAL C 148 -9.07 -35.64 -35.59
CA VAL C 148 -8.75 -34.53 -36.47
C VAL C 148 -7.24 -34.36 -36.49
N THR C 149 -6.63 -34.49 -37.68
CA THR C 149 -5.19 -34.39 -37.88
C THR C 149 -4.77 -33.45 -38.98
N ASN C 150 -3.77 -32.62 -38.72
CA ASN C 150 -3.09 -31.88 -39.77
C ASN C 150 -4.06 -31.05 -40.62
N THR C 151 -4.99 -30.39 -39.92
CA THR C 151 -6.11 -29.67 -40.55
C THR C 151 -6.18 -28.15 -40.43
N TYR C 152 -5.96 -27.61 -39.24
CA TYR C 152 -6.19 -26.18 -38.99
C TYR C 152 -4.86 -25.36 -39.00
N ASP C 153 -4.88 -24.19 -39.61
CA ASP C 153 -3.78 -23.26 -39.48
C ASP C 153 -3.75 -22.58 -38.11
N VAL C 154 -4.91 -22.29 -37.54
CA VAL C 154 -5.02 -21.62 -36.25
C VAL C 154 -6.18 -22.26 -35.49
N ILE C 155 -5.95 -22.55 -34.22
CA ILE C 155 -7.00 -22.91 -33.28
C ILE C 155 -7.08 -21.85 -32.14
N ILE C 156 -8.29 -21.31 -31.93
CA ILE C 156 -8.55 -20.31 -30.90
C ILE C 156 -9.46 -20.90 -29.82
N VAL C 157 -8.92 -21.02 -28.61
CA VAL C 157 -9.67 -21.65 -27.53
C VAL C 157 -10.26 -20.54 -26.67
N ASP C 158 -11.48 -20.19 -27.01
CA ASP C 158 -12.27 -19.24 -26.22
C ASP C 158 -13.16 -19.89 -25.20
N SER C 159 -12.52 -20.36 -24.12
CA SER C 159 -13.14 -21.14 -23.15
C SER C 159 -13.64 -20.24 -22.07
N SER C 160 -14.60 -20.76 -21.33
CA SER C 160 -14.90 -20.25 -20.01
C SER C 160 -13.81 -20.69 -18.99
N ASP C 161 -14.06 -20.43 -17.73
CA ASP C 161 -13.15 -20.78 -16.65
C ASP C 161 -13.18 -22.30 -16.42
N PRO C 162 -12.21 -22.81 -15.65
CA PRO C 162 -12.12 -24.27 -15.63
C PRO C 162 -13.14 -24.90 -14.69
N ILE C 163 -13.95 -24.11 -14.00
CA ILE C 163 -15.09 -24.66 -13.25
C ILE C 163 -16.34 -24.59 -14.12
N GLY C 164 -16.82 -25.75 -14.58
CA GLY C 164 -17.92 -25.87 -15.53
C GLY C 164 -17.58 -26.77 -16.73
N PRO C 165 -18.35 -26.64 -17.85
CA PRO C 165 -18.09 -27.50 -19.04
C PRO C 165 -16.71 -27.23 -19.68
N ALA C 166 -16.08 -26.09 -19.38
CA ALA C 166 -14.76 -25.78 -19.93
C ALA C 166 -13.68 -26.56 -19.16
N GLU C 167 -14.06 -27.30 -18.14
CA GLU C 167 -13.08 -27.96 -17.31
C GLU C 167 -12.12 -28.88 -18.10
N THR C 168 -12.65 -29.59 -19.08
CA THR C 168 -11.84 -30.54 -19.87
C THR C 168 -10.86 -29.83 -20.85
N LEU C 169 -10.92 -28.51 -20.99
CA LEU C 169 -10.06 -27.85 -21.94
C LEU C 169 -8.78 -27.41 -21.22
N PHE C 170 -8.72 -27.58 -19.90
CA PHE C 170 -7.54 -27.11 -19.15
C PHE C 170 -6.67 -28.31 -18.69
N ASN C 171 -6.24 -29.13 -19.64
CA ASN C 171 -5.45 -30.34 -19.30
C ASN C 171 -4.55 -30.75 -20.42
N GLN C 172 -3.65 -31.67 -20.08
CA GLN C 172 -2.58 -31.93 -20.97
C GLN C 172 -3.11 -32.66 -22.21
N ASN C 173 -4.08 -33.54 -22.00
CA ASN C 173 -4.59 -34.35 -23.10
C ASN C 173 -5.33 -33.54 -24.18
N PHE C 174 -5.99 -32.48 -23.75
CA PHE C 174 -6.64 -31.58 -24.69
C PHE C 174 -5.59 -30.95 -25.55
N TYR C 175 -4.45 -30.59 -24.98
CA TYR C 175 -3.43 -29.90 -25.73
C TYR C 175 -2.78 -30.86 -26.76
N GLU C 176 -2.70 -32.13 -26.43
CA GLU C 176 -2.14 -33.13 -27.41
C GLU C 176 -3.02 -33.20 -28.66
N LYS C 177 -4.32 -33.16 -28.42
CA LYS C 177 -5.30 -33.10 -29.50
C LYS C 177 -5.18 -31.81 -30.34
N ILE C 178 -5.06 -30.67 -29.67
CA ILE C 178 -4.87 -29.42 -30.43
C ILE C 178 -3.63 -29.54 -31.31
N TYR C 179 -2.57 -30.04 -30.72
CA TYR C 179 -1.31 -30.08 -31.38
C TYR C 179 -1.42 -30.94 -32.61
N ASN C 180 -2.07 -32.09 -32.46
CA ASN C 180 -2.27 -33.04 -33.56
C ASN C 180 -3.15 -32.46 -34.72
N ALA C 181 -4.15 -31.65 -34.37
CA ALA C 181 -5.10 -31.13 -35.33
C ALA C 181 -4.62 -29.95 -36.09
N LEU C 182 -3.58 -29.28 -35.56
CA LEU C 182 -2.87 -28.22 -36.27
C LEU C 182 -2.02 -28.74 -37.41
N LYS C 183 -1.93 -27.92 -38.47
CA LYS C 183 -0.94 -28.13 -39.51
C LYS C 183 0.45 -27.98 -38.92
N PRO C 184 1.50 -28.32 -39.68
CA PRO C 184 2.87 -28.31 -39.14
C PRO C 184 3.41 -26.94 -38.74
N ASN C 185 2.96 -25.86 -39.39
CA ASN C 185 3.24 -24.48 -38.89
C ASN C 185 2.02 -23.80 -38.22
N GLY C 186 1.16 -24.58 -37.61
CA GLY C 186 -0.05 -24.09 -37.02
C GLY C 186 0.22 -23.48 -35.63
N TYR C 187 -0.69 -22.60 -35.22
CA TYR C 187 -0.64 -21.87 -33.96
C TYR C 187 -1.97 -22.08 -33.18
N CYS C 188 -1.85 -22.11 -31.86
CA CYS C 188 -3.00 -22.15 -30.96
C CYS C 188 -2.86 -21.01 -29.95
N VAL C 189 -3.97 -20.32 -29.68
CA VAL C 189 -4.04 -19.40 -28.56
C VAL C 189 -5.20 -19.83 -27.76
N ALA C 190 -5.12 -19.63 -26.42
CA ALA C 190 -6.20 -19.99 -25.51
C ALA C 190 -6.34 -18.98 -24.36
N GLN C 191 -7.57 -18.76 -23.94
CA GLN C 191 -7.86 -18.00 -22.74
C GLN C 191 -7.11 -18.61 -21.56
N CYS C 192 -6.39 -17.76 -20.82
CA CYS C 192 -5.50 -18.26 -19.79
C CYS C 192 -5.36 -17.29 -18.59
N GLU C 193 -6.49 -16.70 -18.23
CA GLU C 193 -6.75 -16.22 -16.86
C GLU C 193 -5.97 -15.00 -16.47
N SER C 194 -6.15 -14.56 -15.23
CA SER C 194 -5.57 -13.24 -14.86
C SER C 194 -4.24 -13.43 -14.10
N LEU C 195 -3.22 -12.69 -14.52
CA LEU C 195 -1.92 -12.80 -13.91
C LEU C 195 -1.88 -12.30 -12.44
N TRP C 196 -2.91 -11.57 -11.97
CA TRP C 196 -2.89 -11.03 -10.63
C TRP C 196 -3.29 -12.09 -9.60
N ILE C 197 -3.99 -13.13 -10.00
CA ILE C 197 -4.56 -14.14 -9.05
C ILE C 197 -4.50 -15.57 -9.49
N HIS C 198 -4.12 -15.84 -10.73
CA HIS C 198 -4.20 -17.17 -11.31
C HIS C 198 -2.88 -17.71 -11.77
N VAL C 199 -1.82 -17.41 -11.04
CA VAL C 199 -0.50 -17.78 -11.46
C VAL C 199 -0.35 -19.27 -11.50
N GLY C 200 -0.95 -19.96 -10.55
CA GLY C 200 -0.88 -21.42 -10.52
C GLY C 200 -1.48 -22.07 -11.79
N THR C 201 -2.65 -21.58 -12.23
CA THR C 201 -3.26 -22.05 -13.46
C THR C 201 -2.40 -21.73 -14.66
N ILE C 202 -1.91 -20.48 -14.70
CA ILE C 202 -1.03 -20.05 -15.79
C ILE C 202 0.26 -20.93 -15.94
N LYS C 203 0.95 -21.15 -14.83
CA LYS C 203 2.10 -22.05 -14.83
C LYS C 203 1.72 -23.48 -15.29
N ASN C 204 0.60 -23.99 -14.83
CA ASN C 204 0.19 -25.35 -15.20
C ASN C 204 -0.06 -25.41 -16.70
N MET C 205 -0.73 -24.41 -17.24
CA MET C 205 -1.07 -24.35 -18.67
C MET C 205 0.16 -24.18 -19.56
N ILE C 206 1.07 -23.26 -19.20
CA ILE C 206 2.30 -23.14 -19.96
C ILE C 206 3.06 -24.48 -19.94
N GLY C 207 3.06 -25.12 -18.79
CA GLY C 207 3.72 -26.41 -18.62
C GLY C 207 3.18 -27.46 -19.58
N TYR C 208 1.86 -27.58 -19.69
CA TYR C 208 1.25 -28.57 -20.58
C TYR C 208 1.64 -28.25 -22.01
N ALA C 209 1.61 -26.97 -22.37
CA ALA C 209 1.87 -26.61 -23.73
C ALA C 209 3.32 -26.81 -24.08
N LYS C 210 4.17 -26.54 -23.13
CA LYS C 210 5.62 -26.72 -23.37
C LYS C 210 6.07 -28.18 -23.58
N LYS C 211 5.34 -29.17 -23.12
CA LYS C 211 5.69 -30.54 -23.44
C LYS C 211 5.45 -30.83 -24.91
N LEU C 212 4.70 -29.99 -25.63
CA LEU C 212 4.38 -30.24 -27.05
C LEU C 212 4.93 -29.22 -28.01
N PHE C 213 4.75 -27.92 -27.70
CA PHE C 213 5.11 -26.85 -28.63
C PHE C 213 6.53 -26.38 -28.39
N LYS C 214 7.28 -26.13 -29.47
CA LYS C 214 8.60 -25.57 -29.39
C LYS C 214 8.58 -24.17 -28.72
N LYS C 215 7.58 -23.32 -28.95
CA LYS C 215 7.58 -21.97 -28.39
C LYS C 215 6.20 -21.70 -27.68
N VAL C 216 6.25 -21.31 -26.40
CA VAL C 216 5.02 -21.07 -25.61
C VAL C 216 5.23 -19.75 -24.95
N GLU C 217 4.31 -18.83 -25.18
CA GLU C 217 4.44 -17.45 -24.69
C GLU C 217 3.08 -17.01 -24.08
N TYR C 218 3.06 -15.84 -23.45
CA TYR C 218 1.87 -15.39 -22.68
C TYR C 218 1.74 -13.90 -22.89
N ALA C 219 0.52 -13.48 -23.17
CA ALA C 219 0.21 -12.08 -23.47
C ALA C 219 -0.96 -11.60 -22.58
N ASN C 220 -0.95 -10.34 -22.16
CA ASN C 220 -1.97 -9.79 -21.37
C ASN C 220 -2.85 -8.80 -22.12
N ILE C 221 -4.10 -8.78 -21.75
CA ILE C 221 -5.15 -7.86 -22.31
C ILE C 221 -5.79 -7.02 -21.17
N SER C 222 -5.89 -5.70 -21.34
CA SER C 222 -6.66 -4.85 -20.41
C SER C 222 -8.18 -4.92 -20.77
N ILE C 223 -9.00 -5.38 -19.81
CA ILE C 223 -10.42 -5.51 -19.97
C ILE C 223 -11.06 -5.50 -18.57
N PRO C 224 -11.86 -4.47 -18.31
CA PRO C 224 -12.33 -4.19 -16.94
C PRO C 224 -13.38 -5.12 -16.36
N THR C 225 -14.10 -5.91 -17.20
CA THR C 225 -15.18 -6.72 -16.68
C THR C 225 -14.82 -8.21 -16.55
N TYR C 226 -13.54 -8.52 -16.64
CA TYR C 226 -12.99 -9.78 -16.16
C TYR C 226 -12.29 -9.53 -14.81
N PRO C 227 -12.26 -10.52 -13.93
CA PRO C 227 -11.66 -10.31 -12.57
C PRO C 227 -10.20 -9.76 -12.67
N CYS C 228 -9.90 -8.68 -11.89
CA CYS C 228 -8.60 -8.03 -11.86
C CYS C 228 -8.35 -7.10 -13.03
N GLY C 229 -9.35 -6.94 -13.89
CA GLY C 229 -9.20 -6.05 -15.06
C GLY C 229 -8.32 -6.50 -16.16
N CYS C 230 -7.96 -7.77 -16.21
CA CYS C 230 -7.04 -8.21 -17.26
C CYS C 230 -7.23 -9.72 -17.44
N ILE C 231 -6.92 -10.20 -18.64
CA ILE C 231 -6.97 -11.65 -18.88
C ILE C 231 -5.87 -11.93 -19.89
N GLY C 232 -5.29 -13.09 -19.82
CA GLY C 232 -4.17 -13.42 -20.69
C GLY C 232 -4.44 -14.49 -21.72
N ILE C 233 -3.52 -14.59 -22.64
CA ILE C 233 -3.57 -15.45 -23.78
C ILE C 233 -2.36 -16.36 -23.73
N LEU C 234 -2.60 -17.65 -23.69
CA LEU C 234 -1.58 -18.64 -23.84
C LEU C 234 -1.32 -18.83 -25.32
N CYS C 235 -0.06 -18.65 -25.74
CA CYS C 235 0.30 -18.57 -27.12
C CYS C 235 1.25 -19.72 -27.49
N CYS C 236 0.84 -20.61 -28.39
CA CYS C 236 1.56 -21.85 -28.69
C CYS C 236 1.94 -21.88 -30.17
N SER C 237 3.23 -22.04 -30.40
CA SER C 237 3.78 -22.07 -31.74
C SER C 237 4.57 -23.35 -31.90
N LYS C 238 4.40 -23.98 -33.05
CA LYS C 238 5.21 -25.15 -33.45
C LYS C 238 6.55 -24.72 -33.99
N THR C 239 6.63 -23.53 -34.55
CA THR C 239 7.89 -23.03 -35.14
C THR C 239 8.84 -22.57 -34.04
N ASP C 240 10.10 -22.28 -34.37
CA ASP C 240 11.04 -21.74 -33.39
C ASP C 240 10.73 -20.30 -33.05
N THR C 241 10.20 -19.54 -34.01
CA THR C 241 9.92 -18.10 -33.86
C THR C 241 8.80 -17.47 -32.93
N GLY C 242 7.72 -18.15 -32.69
CA GLY C 242 6.78 -17.54 -31.74
C GLY C 242 5.70 -16.61 -32.29
N LEU C 243 4.95 -16.01 -31.36
CA LEU C 243 3.78 -15.23 -31.73
C LEU C 243 3.87 -13.73 -31.44
N THR C 244 5.05 -13.22 -31.03
CA THR C 244 5.11 -11.83 -30.56
C THR C 244 5.29 -10.80 -31.63
N LYS C 245 5.61 -11.22 -32.84
CA LYS C 245 5.82 -10.28 -33.96
C LYS C 245 4.94 -10.66 -35.16
N PRO C 246 4.02 -9.77 -35.52
CA PRO C 246 3.15 -9.94 -36.69
C PRO C 246 3.87 -9.96 -37.98
N ASN C 247 3.36 -10.75 -38.91
CA ASN C 247 3.92 -10.84 -40.26
C ASN C 247 3.10 -10.03 -41.21
N LYS C 248 2.13 -9.27 -40.73
CA LYS C 248 1.28 -8.44 -41.58
C LYS C 248 0.62 -7.37 -40.68
N LYS C 249 0.10 -6.32 -41.31
CA LYS C 249 -0.59 -5.26 -40.64
C LYS C 249 -1.99 -5.19 -41.09
N LEU C 250 -2.89 -4.80 -40.19
CA LEU C 250 -4.30 -4.73 -40.50
C LEU C 250 -4.78 -3.30 -40.89
N GLU C 251 -4.57 -2.93 -42.15
CA GLU C 251 -4.72 -1.55 -42.61
C GLU C 251 -5.78 -1.39 -43.63
N SER C 252 -6.31 -2.49 -44.12
CA SER C 252 -7.34 -2.52 -45.13
C SER C 252 -8.67 -2.19 -44.54
N LYS C 253 -9.60 -1.88 -45.40
CA LYS C 253 -10.93 -1.43 -44.97
C LYS C 253 -11.72 -2.38 -44.07
N GLU C 254 -11.57 -3.69 -44.26
CA GLU C 254 -12.16 -4.70 -43.39
C GLU C 254 -11.78 -4.60 -41.89
N PHE C 255 -10.66 -3.97 -41.61
CA PHE C 255 -10.18 -3.79 -40.23
C PHE C 255 -10.26 -2.35 -39.78
N ALA C 256 -11.00 -1.50 -40.51
CA ALA C 256 -11.17 -0.09 -40.10
C ALA C 256 -11.86 0.09 -38.77
N ASP C 257 -12.67 -0.87 -38.36
CA ASP C 257 -13.42 -0.71 -37.14
C ASP C 257 -12.66 -1.17 -35.85
N LEU C 258 -11.39 -1.57 -35.95
CA LEU C 258 -10.73 -2.14 -34.74
C LEU C 258 -10.66 -1.02 -33.67
N LYS C 259 -10.92 -1.41 -32.40
CA LYS C 259 -10.85 -0.51 -31.26
C LYS C 259 -9.76 -0.77 -30.22
N TYR C 260 -8.98 -1.85 -30.34
CA TYR C 260 -7.93 -2.19 -29.35
C TYR C 260 -6.67 -2.55 -30.08
N TYR C 261 -6.74 -3.66 -30.85
CA TYR C 261 -5.54 -4.20 -31.46
C TYR C 261 -4.92 -3.23 -32.47
N ASN C 262 -3.56 -3.19 -32.51
CA ASN C 262 -2.85 -2.60 -33.61
C ASN C 262 -1.46 -3.27 -33.65
N TYR C 263 -0.63 -2.96 -34.66
CA TYR C 263 0.68 -3.52 -34.79
C TYR C 263 1.64 -3.45 -33.57
N GLU C 264 1.74 -2.26 -32.94
CA GLU C 264 2.56 -2.08 -31.72
C GLU C 264 1.97 -2.72 -30.48
N ASN C 265 0.65 -2.62 -30.30
CA ASN C 265 -0.02 -3.28 -29.20
C ASN C 265 0.16 -4.78 -29.13
N HIS C 266 0.25 -5.41 -30.28
CA HIS C 266 0.51 -6.83 -30.44
C HIS C 266 1.76 -7.22 -29.66
N SER C 267 2.91 -6.66 -29.99
N SER C 267 2.92 -6.67 -30.01
CA SER C 267 4.12 -7.05 -29.28
CA SER C 267 4.14 -7.03 -29.30
C SER C 267 4.15 -6.57 -27.82
C SER C 267 4.12 -6.59 -27.83
N ALA C 268 3.60 -5.39 -27.56
CA ALA C 268 3.52 -4.82 -26.19
C ALA C 268 2.81 -5.71 -25.18
N ALA C 269 1.80 -6.44 -25.67
CA ALA C 269 1.04 -7.35 -24.86
C ALA C 269 1.86 -8.44 -24.21
N PHE C 270 2.96 -8.79 -24.86
CA PHE C 270 3.79 -9.90 -24.33
C PHE C 270 4.85 -9.39 -23.36
N LYS C 271 4.93 -8.07 -23.17
CA LYS C 271 5.88 -7.52 -22.16
C LYS C 271 5.28 -7.54 -20.78
N LEU C 272 5.58 -8.54 -20.00
CA LEU C 272 4.86 -8.86 -18.78
C LEU C 272 5.51 -8.24 -17.54
N PRO C 273 4.75 -8.15 -16.43
CA PRO C 273 5.32 -7.67 -15.18
C PRO C 273 6.41 -8.56 -14.68
N ALA C 274 7.41 -7.95 -14.07
CA ALA C 274 8.55 -8.72 -13.50
C ALA C 274 8.15 -9.95 -12.68
N PHE C 275 7.16 -9.82 -11.79
CA PHE C 275 6.87 -10.94 -10.91
C PHE C 275 6.36 -12.12 -11.73
N LEU C 276 5.65 -11.88 -12.83
CA LEU C 276 5.12 -13.05 -13.56
C LEU C 276 6.24 -13.71 -14.35
N LEU C 277 7.15 -12.92 -14.91
CA LEU C 277 8.33 -13.47 -15.50
C LEU C 277 9.15 -14.39 -14.56
N LYS C 278 9.28 -14.01 -13.29
CA LYS C 278 10.01 -14.84 -12.36
C LYS C 278 9.22 -16.13 -12.06
N GLU C 279 7.88 -16.10 -12.04
CA GLU C 279 7.09 -17.32 -11.83
C GLU C 279 7.18 -18.24 -13.03
N ILE C 280 7.17 -17.66 -14.25
CA ILE C 280 7.30 -18.43 -15.50
C ILE C 280 8.64 -19.21 -15.57
N GLU C 281 9.69 -18.64 -14.99
CA GLU C 281 11.01 -19.31 -14.95
C GLU C 281 10.99 -20.55 -14.05
N ASN C 282 10.01 -20.61 -13.15
CA ASN C 282 9.81 -21.71 -12.21
C ASN C 282 8.83 -22.81 -12.67
N ILE C 283 8.55 -22.85 -13.96
CA ILE C 283 7.60 -23.85 -14.47
C ILE C 283 8.30 -25.18 -14.83
#